data_5YWF
#
_entry.id   5YWF
#
_cell.length_a   44.366
_cell.length_b   140.980
_cell.length_c   78.959
_cell.angle_alpha   90.00
_cell.angle_beta   91.22
_cell.angle_gamma   90.00
#
_symmetry.space_group_name_H-M   'P 1 21 1'
#
loop_
_entity.id
_entity.type
_entity.pdbx_description
1 polymer '2H4 light chain'
2 polymer '2H4 heavy chain'
3 water water
#
loop_
_entity_poly.entity_id
_entity_poly.type
_entity_poly.pdbx_seq_one_letter_code
_entity_poly.pdbx_strand_id
1 'polypeptide(L)'
;DIVLTQSPASLAVSLGQRATISCRASQSVSTSYMHWYQQKPGQPPRLLIYLVSNLESGVPSRFSGSGSGTDFTLNIHPVE
AEDEATYYCQHIRELTRSEAGPSWLEIKRADAAPTVSIFPPSSEQLTSGGASVVCFLNNFYPKDINVKWKIDGSERQNGV
LNSWTDQDSKDSTYSMSSTLTLTKDEYERHNSYTCEATHKTSTSPIVKSFNRNEC
;
A,C
2 'polypeptide(L)'
;QVQLMESGPELKKPGETVKISCKASGYTFTDYSMHWVKQAPGKGLKWMGWINTGTGEPTFAADFKGRFAFSLETSASTAY
LQINNLKNEDTASYFCARGVGLYGVDYWGQGTSVTVSSPKTTPPSVYPLAPVCGDTTGSMVTLGCLVKGYFPEPVTVTWN
SGSLSSGVHTFPAVLQSDLYTLSSSVTVPSSTWPSETVTCNVAHPASSTKVDKKIVPR
;
B,D
#
# COMPACT_ATOMS: atom_id res chain seq x y z
N ASP A 1 39.05 -22.08 -7.76
CA ASP A 1 38.57 -23.34 -8.29
C ASP A 1 37.73 -24.03 -7.24
N ILE A 2 37.20 -23.24 -6.33
CA ILE A 2 36.43 -23.81 -5.23
C ILE A 2 35.17 -23.01 -4.99
N VAL A 3 34.08 -23.44 -5.59
CA VAL A 3 32.87 -22.64 -5.60
C VAL A 3 32.08 -22.85 -4.32
N LEU A 4 31.41 -21.79 -3.91
CA LEU A 4 30.65 -21.73 -2.68
C LEU A 4 29.28 -21.20 -3.08
N THR A 5 28.24 -22.02 -2.89
CA THR A 5 26.91 -21.68 -3.38
C THR A 5 26.00 -21.35 -2.21
N GLN A 6 25.39 -20.17 -2.25
CA GLN A 6 24.49 -19.68 -1.22
C GLN A 6 23.05 -19.76 -1.72
N SER A 7 22.17 -20.16 -0.82
CA SER A 7 20.74 -20.23 -1.09
C SER A 7 19.98 -19.82 0.17
N PRO A 8 18.83 -19.14 -0.02
CA PRO A 8 18.38 -18.73 -1.34
C PRO A 8 19.05 -17.43 -1.78
N ALA A 9 18.81 -16.99 -3.02
CA ALA A 9 19.33 -15.71 -3.46
C ALA A 9 18.73 -14.58 -2.65
N SER A 10 17.45 -14.66 -2.37
CA SER A 10 16.76 -13.65 -1.58
C SER A 10 15.83 -14.32 -0.59
N LEU A 11 15.62 -13.65 0.54
CA LEU A 11 14.80 -14.21 1.61
C LEU A 11 14.03 -13.05 2.22
N ALA A 12 12.70 -13.15 2.20
CA ALA A 12 11.79 -12.15 2.78
C ALA A 12 11.40 -12.62 4.18
N VAL A 13 11.52 -11.72 5.15
CA VAL A 13 11.45 -12.09 6.56
C VAL A 13 10.60 -11.09 7.34
N SER A 14 10.00 -11.57 8.43
CA SER A 14 9.32 -10.75 9.41
C SER A 14 10.05 -10.89 10.73
N LEU A 15 10.08 -9.83 11.53
CA LEU A 15 10.98 -9.94 12.67
C LEU A 15 10.39 -10.79 13.77
N GLY A 16 11.29 -11.44 14.50
CA GLY A 16 10.95 -12.50 15.40
C GLY A 16 11.13 -13.88 14.81
N GLN A 17 11.02 -14.00 13.50
CA GLN A 17 11.16 -15.29 12.84
C GLN A 17 12.62 -15.76 12.87
N ARG A 18 12.82 -17.08 12.91
CA ARG A 18 14.18 -17.61 12.78
C ARG A 18 14.43 -17.94 11.31
N ALA A 19 15.50 -17.38 10.77
CA ALA A 19 15.90 -17.60 9.40
C ALA A 19 17.20 -18.40 9.37
N THR A 20 17.32 -19.27 8.36
CA THR A 20 18.51 -20.05 8.13
C THR A 20 18.98 -19.78 6.72
N ILE A 21 20.23 -19.34 6.57
CA ILE A 21 20.87 -19.14 5.26
C ILE A 21 21.83 -20.30 5.05
N SER A 22 21.83 -20.85 3.84
CA SER A 22 22.61 -22.05 3.63
C SER A 22 23.77 -21.77 2.69
N CYS A 23 24.79 -22.60 2.84
CA CYS A 23 26.01 -22.44 2.06
C CYS A 23 26.53 -23.82 1.76
N ARG A 24 27.13 -23.99 0.59
CA ARG A 24 27.69 -25.29 0.24
C ARG A 24 28.98 -25.12 -0.55
N ALA A 25 29.97 -25.93 -0.23
CA ALA A 25 31.28 -25.92 -0.88
C ALA A 25 31.36 -27.02 -1.94
N SER A 26 32.09 -26.75 -2.97
CA SER A 26 32.23 -27.69 -4.03
C SER A 26 33.34 -28.67 -3.78
N GLN A 27 34.32 -28.24 -3.02
CA GLN A 27 35.45 -29.08 -2.77
C GLN A 27 35.67 -29.14 -1.33
N SER A 28 36.64 -29.98 -1.05
CA SER A 28 37.22 -30.32 0.21
C SER A 28 36.31 -30.53 1.31
N VAL A 29 36.89 -31.04 2.38
CA VAL A 29 36.18 -31.14 3.60
C VAL A 29 36.92 -29.92 4.00
N SER A 30 36.47 -28.75 3.51
CA SER A 30 37.09 -27.47 3.78
C SER A 30 37.11 -27.12 5.21
N THR A 31 36.94 -28.15 6.02
CA THR A 31 36.95 -28.22 7.45
C THR A 31 35.98 -27.24 7.97
N SER A 32 36.34 -26.49 8.98
CA SER A 32 35.54 -25.42 9.47
C SER A 32 36.23 -24.37 8.60
N TYR A 33 36.66 -23.22 9.06
CA TYR A 33 37.36 -22.27 8.17
C TYR A 33 36.38 -21.69 7.19
N MET A 34 35.22 -21.41 7.73
CA MET A 34 34.21 -20.70 6.98
C MET A 34 33.73 -19.50 7.76
N HIS A 35 33.50 -18.40 7.07
CA HIS A 35 33.13 -17.17 7.71
C HIS A 35 31.90 -16.60 7.02
N TRP A 36 31.17 -15.78 7.79
CA TRP A 36 30.00 -15.08 7.33
C TRP A 36 30.23 -13.58 7.58
N TYR A 37 29.85 -12.76 6.61
CA TYR A 37 30.02 -11.31 6.65
C TYR A 37 28.68 -10.70 6.34
N GLN A 38 28.36 -9.57 6.95
CA GLN A 38 27.13 -8.85 6.68
C GLN A 38 27.49 -7.51 6.04
N GLN A 39 26.80 -7.15 4.96
CA GLN A 39 27.10 -5.91 4.26
C GLN A 39 25.80 -5.18 3.95
N LYS A 40 25.69 -3.96 4.48
CA LYS A 40 24.59 -3.06 4.18
C LYS A 40 25.00 -2.10 3.06
N PRO A 41 24.03 -1.55 2.31
CA PRO A 41 24.40 -0.82 1.09
C PRO A 41 25.31 0.36 1.38
N GLY A 42 26.26 0.57 0.47
CA GLY A 42 27.23 1.63 0.64
C GLY A 42 28.16 1.51 1.84
N GLN A 43 28.42 0.31 2.32
CA GLN A 43 29.23 0.12 3.50
C GLN A 43 30.17 -1.05 3.27
N PRO A 44 31.24 -1.18 4.05
CA PRO A 44 32.10 -2.35 3.93
C PRO A 44 31.48 -3.50 4.69
N PRO A 45 31.83 -4.74 4.34
CA PRO A 45 31.32 -5.87 5.10
C PRO A 45 31.78 -5.83 6.54
N ARG A 46 31.02 -6.51 7.39
CA ARG A 46 31.37 -6.62 8.78
C ARG A 46 31.28 -8.08 9.13
N LEU A 47 32.20 -8.52 9.99
CA LEU A 47 32.34 -9.94 10.23
C LEU A 47 31.33 -10.37 11.27
N LEU A 48 30.89 -11.61 11.16
CA LEU A 48 29.90 -12.13 12.07
C LEU A 48 30.41 -13.42 12.68
N ILE A 49 30.77 -14.37 11.82
CA ILE A 49 31.24 -15.68 12.28
C ILE A 49 32.62 -16.08 11.73
N TYR A 50 33.47 -16.58 12.62
CA TYR A 50 34.78 -17.06 12.22
C TYR A 50 34.84 -18.55 12.55
N LEU A 51 35.26 -19.34 11.56
CA LEU A 51 35.40 -20.81 11.58
C LEU A 51 34.06 -21.59 11.52
N VAL A 52 33.00 -20.84 11.20
CA VAL A 52 31.60 -21.27 11.01
C VAL A 52 30.79 -21.52 12.28
N SER A 53 31.44 -21.47 13.44
CA SER A 53 30.75 -21.69 14.69
C SER A 53 30.99 -20.64 15.78
N ASN A 54 31.86 -19.67 15.51
CA ASN A 54 32.19 -18.70 16.53
C ASN A 54 31.74 -17.32 16.10
N LEU A 55 31.13 -16.60 17.04
CA LEU A 55 30.75 -15.21 16.85
C LEU A 55 31.96 -14.32 17.07
N GLU A 56 32.20 -13.34 16.18
CA GLU A 56 33.22 -12.37 16.54
C GLU A 56 32.71 -11.48 17.67
N SER A 57 33.62 -10.68 18.22
CA SER A 57 33.40 -10.13 19.55
C SER A 57 32.17 -9.23 19.67
N GLY A 58 31.67 -8.62 18.61
CA GLY A 58 30.54 -7.74 18.85
C GLY A 58 29.16 -8.22 18.44
N VAL A 59 29.08 -9.37 17.79
CA VAL A 59 27.82 -9.74 17.14
C VAL A 59 26.84 -10.30 18.18
N PRO A 60 25.57 -9.92 18.10
CA PRO A 60 24.60 -10.42 19.08
C PRO A 60 24.44 -11.94 19.06
N SER A 61 24.08 -12.48 20.23
CA SER A 61 23.99 -13.93 20.35
C SER A 61 22.79 -14.50 19.60
N ARG A 62 21.95 -13.69 18.96
CA ARG A 62 20.93 -14.24 18.07
C ARG A 62 21.55 -14.84 16.80
N PHE A 63 22.78 -14.44 16.46
CA PHE A 63 23.48 -14.97 15.30
C PHE A 63 24.18 -16.28 15.67
N SER A 64 23.98 -17.30 14.84
CA SER A 64 24.57 -18.61 15.08
C SER A 64 25.23 -19.20 13.84
N GLY A 65 26.35 -19.87 14.04
CA GLY A 65 27.10 -20.50 12.96
C GLY A 65 27.16 -22.00 13.14
N SER A 66 26.88 -22.75 12.08
CA SER A 66 26.88 -24.21 12.12
C SER A 66 27.30 -24.88 10.81
N GLY A 67 27.63 -26.16 10.90
CA GLY A 67 28.03 -26.97 9.75
C GLY A 67 29.52 -27.19 9.57
N SER A 68 29.87 -28.27 8.88
CA SER A 68 31.27 -28.59 8.64
C SER A 68 31.59 -29.23 7.29
N GLY A 69 32.77 -28.91 6.77
CA GLY A 69 33.31 -29.44 5.53
C GLY A 69 32.68 -29.07 4.20
N THR A 70 31.42 -29.47 3.99
CA THR A 70 30.75 -29.15 2.74
C THR A 70 29.45 -28.37 2.90
N ASP A 71 28.87 -28.43 4.09
CA ASP A 71 27.62 -27.74 4.37
C ASP A 71 27.74 -26.83 5.58
N PHE A 72 27.28 -25.60 5.44
CA PHE A 72 27.32 -24.62 6.53
C PHE A 72 26.03 -23.81 6.55
N THR A 73 25.64 -23.31 7.72
CA THR A 73 24.44 -22.48 7.82
C THR A 73 24.73 -21.29 8.69
N LEU A 74 24.13 -20.15 8.37
CA LEU A 74 24.07 -19.04 9.31
C LEU A 74 22.63 -18.93 9.79
N ASN A 75 22.47 -18.68 11.09
CA ASN A 75 21.18 -18.74 11.72
C ASN A 75 20.95 -17.49 12.55
N ILE A 76 19.79 -16.86 12.39
CA ILE A 76 19.37 -15.74 13.23
C ILE A 76 18.13 -16.21 13.99
N HIS A 77 18.23 -16.28 15.34
CA HIS A 77 17.19 -16.94 16.13
C HIS A 77 15.91 -16.09 16.13
N PRO A 78 15.96 -14.74 16.26
CA PRO A 78 14.78 -13.97 15.87
C PRO A 78 15.21 -12.72 15.11
N VAL A 79 15.01 -12.70 13.79
CA VAL A 79 15.52 -11.60 12.99
C VAL A 79 14.99 -10.29 13.52
N GLU A 80 15.82 -9.25 13.46
CA GLU A 80 15.45 -7.92 13.88
C GLU A 80 15.54 -7.02 12.66
N ALA A 81 14.94 -5.83 12.77
CA ALA A 81 14.93 -4.91 11.64
C ALA A 81 16.35 -4.53 11.22
N GLU A 82 17.23 -4.35 12.19
CA GLU A 82 18.60 -3.98 11.86
C GLU A 82 19.38 -5.12 11.19
N ASP A 83 18.77 -6.30 11.01
CA ASP A 83 19.48 -7.38 10.36
C ASP A 83 19.28 -7.41 8.85
N GLU A 84 18.44 -6.51 8.32
CA GLU A 84 18.32 -6.33 6.87
C GLU A 84 19.66 -5.94 6.31
N ALA A 85 20.14 -6.72 5.33
CA ALA A 85 21.45 -6.59 4.74
C ALA A 85 21.67 -7.76 3.80
N THR A 86 22.83 -7.77 3.14
CA THR A 86 23.27 -8.91 2.37
C THR A 86 24.24 -9.72 3.23
N TYR A 87 24.22 -11.05 3.07
CA TYR A 87 25.04 -11.94 3.89
C TYR A 87 25.92 -12.75 2.97
N TYR A 88 27.22 -12.61 3.16
CA TYR A 88 28.19 -13.35 2.40
C TYR A 88 28.85 -14.38 3.30
N CYS A 89 29.08 -15.55 2.73
CA CYS A 89 29.86 -16.60 3.36
C CYS A 89 31.11 -16.90 2.54
N GLN A 90 32.24 -16.99 3.22
CA GLN A 90 33.51 -17.21 2.57
C GLN A 90 34.20 -18.36 3.29
N HIS A 91 35.07 -19.03 2.54
CA HIS A 91 35.85 -20.15 3.04
C HIS A 91 37.33 -19.75 3.04
N ILE A 92 38.00 -19.94 4.17
CA ILE A 92 39.43 -19.61 4.28
C ILE A 92 40.33 -20.83 4.18
N ARG A 93 39.74 -22.00 3.91
CA ARG A 93 40.49 -23.25 3.82
C ARG A 93 41.53 -23.33 2.70
N GLU A 94 41.19 -22.84 1.53
CA GLU A 94 42.11 -22.91 0.39
C GLU A 94 42.30 -21.59 -0.34
N LEU A 95 43.44 -21.48 -1.02
CA LEU A 95 43.79 -20.28 -1.78
C LEU A 95 43.60 -20.58 -3.27
N THR A 96 42.93 -19.70 -4.02
CA THR A 96 42.48 -18.38 -3.58
C THR A 96 41.18 -18.36 -2.75
N ARG A 97 41.09 -17.40 -1.83
CA ARG A 97 39.91 -17.29 -0.99
C ARG A 97 38.72 -17.02 -1.91
N SER A 98 37.61 -17.67 -1.63
CA SER A 98 36.42 -17.52 -2.45
C SER A 98 35.20 -17.21 -1.59
N GLU A 99 34.34 -16.34 -2.12
CA GLU A 99 33.14 -15.96 -1.41
C GLU A 99 31.97 -16.46 -2.23
N ALA A 100 30.88 -16.77 -1.55
CA ALA A 100 29.72 -17.16 -2.31
C ALA A 100 28.95 -15.91 -2.75
N GLY A 101 28.14 -16.08 -3.80
CA GLY A 101 27.19 -15.06 -4.18
C GLY A 101 26.27 -14.92 -3.00
N PRO A 102 25.90 -13.71 -2.67
CA PRO A 102 25.33 -13.43 -1.36
C PRO A 102 23.88 -13.89 -1.22
N SER A 103 23.30 -13.59 -0.06
CA SER A 103 21.89 -13.81 0.23
C SER A 103 21.34 -12.51 0.76
N TRP A 104 20.29 -12.01 0.11
CA TRP A 104 19.68 -10.73 0.46
C TRP A 104 18.57 -11.00 1.46
N LEU A 105 18.55 -10.25 2.55
CA LEU A 105 17.55 -10.43 3.61
C LEU A 105 16.67 -9.18 3.57
N GLU A 106 15.40 -9.35 3.17
CA GLU A 106 14.48 -8.25 2.93
C GLU A 106 13.28 -8.37 3.86
N ILE A 107 12.59 -7.24 4.10
CA ILE A 107 11.45 -7.29 5.01
C ILE A 107 10.22 -7.68 4.22
N LYS A 108 9.39 -8.51 4.82
CA LYS A 108 8.17 -8.97 4.18
C LYS A 108 7.05 -7.96 4.45
N ARG A 109 6.26 -7.67 3.42
CA ARG A 109 5.03 -6.90 3.57
C ARG A 109 3.93 -7.51 2.70
N ALA A 110 2.73 -6.94 2.75
CA ALA A 110 1.69 -7.39 1.84
C ALA A 110 1.99 -6.93 0.42
N ASP A 111 1.67 -7.79 -0.54
CA ASP A 111 1.85 -7.47 -1.95
C ASP A 111 1.10 -6.19 -2.36
N ALA A 112 1.69 -5.48 -3.33
CA ALA A 112 1.25 -4.16 -3.75
C ALA A 112 1.54 -4.05 -5.25
N ALA A 113 0.53 -3.61 -6.06
CA ALA A 113 0.74 -3.37 -7.47
C ALA A 113 1.48 -2.05 -7.67
N PRO A 114 2.32 -1.94 -8.71
CA PRO A 114 2.91 -0.65 -9.08
C PRO A 114 1.85 0.41 -9.36
N THR A 115 2.05 1.60 -8.80
CA THR A 115 1.46 2.81 -9.33
C THR A 115 2.33 3.31 -10.49
N VAL A 116 1.75 3.38 -11.68
CA VAL A 116 2.47 3.63 -12.92
C VAL A 116 2.15 5.01 -13.44
N SER A 117 3.17 5.71 -13.92
CA SER A 117 3.10 7.08 -14.43
C SER A 117 3.93 7.17 -15.69
N ILE A 118 3.43 7.87 -16.72
CA ILE A 118 4.16 8.03 -17.97
C ILE A 118 4.29 9.52 -18.29
N PHE A 119 5.45 9.92 -18.80
CA PHE A 119 5.75 11.34 -19.05
C PHE A 119 6.33 11.46 -20.45
N PRO A 120 5.71 12.25 -21.33
CA PRO A 120 6.29 12.54 -22.65
C PRO A 120 7.47 13.48 -22.53
N PRO A 121 8.25 13.64 -23.59
CA PRO A 121 9.35 14.63 -23.60
C PRO A 121 8.91 16.01 -23.13
N SER A 122 9.72 16.61 -22.25
CA SER A 122 9.52 18.02 -21.92
C SER A 122 9.73 18.88 -23.16
N SER A 123 9.04 20.02 -23.20
CA SER A 123 9.24 20.91 -24.35
C SER A 123 10.66 21.48 -24.38
N GLU A 124 11.35 21.56 -23.25
CA GLU A 124 12.73 22.03 -23.31
C GLU A 124 13.64 20.99 -23.95
N GLN A 125 13.40 19.69 -23.72
CA GLN A 125 14.22 18.68 -24.36
C GLN A 125 13.92 18.60 -25.86
N LEU A 126 12.64 18.72 -26.25
CA LEU A 126 12.32 18.76 -27.68
C LEU A 126 13.09 19.87 -28.40
N THR A 127 13.21 21.06 -27.77
CA THR A 127 13.91 22.14 -28.45
C THR A 127 15.41 21.90 -28.58
N SER A 128 15.94 20.88 -27.92
CA SER A 128 17.36 20.54 -28.07
C SER A 128 17.56 19.39 -29.04
N GLY A 129 16.47 18.87 -29.64
CA GLY A 129 16.54 17.72 -30.52
C GLY A 129 16.52 16.36 -29.85
N GLY A 130 16.21 16.29 -28.55
CA GLY A 130 16.16 15.02 -27.86
C GLY A 130 14.75 14.66 -27.45
N ALA A 131 14.46 13.37 -27.19
CA ALA A 131 13.12 12.98 -26.77
C ALA A 131 13.22 11.72 -25.90
N SER A 132 13.12 11.92 -24.59
CA SER A 132 13.04 10.82 -23.63
C SER A 132 11.60 10.70 -23.13
N VAL A 133 11.04 9.49 -23.19
CA VAL A 133 9.76 9.14 -22.58
C VAL A 133 10.05 8.37 -21.30
N VAL A 134 9.60 8.87 -20.16
CA VAL A 134 9.92 8.28 -18.87
C VAL A 134 8.67 7.71 -18.21
N CYS A 135 8.84 6.54 -17.59
CA CYS A 135 7.80 5.74 -16.95
C CYS A 135 8.23 5.47 -15.52
N PHE A 136 7.38 5.84 -14.55
CA PHE A 136 7.63 5.51 -13.15
C PHE A 136 6.70 4.39 -12.73
N LEU A 137 7.26 3.38 -12.06
CA LEU A 137 6.47 2.29 -11.50
C LEU A 137 6.81 2.24 -10.02
N ASN A 138 5.92 2.74 -9.18
CA ASN A 138 6.26 3.09 -7.81
C ASN A 138 5.53 2.22 -6.79
N ASN A 139 6.28 1.83 -5.74
CA ASN A 139 5.72 1.28 -4.50
C ASN A 139 5.07 -0.08 -4.71
N PHE A 140 5.77 -0.98 -5.38
CA PHE A 140 5.24 -2.31 -5.57
C PHE A 140 5.97 -3.31 -4.66
N TYR A 141 5.36 -4.49 -4.53
CA TYR A 141 5.92 -5.61 -3.76
C TYR A 141 5.26 -6.87 -4.26
N PRO A 142 6.03 -7.94 -4.48
CA PRO A 142 7.48 -8.09 -4.34
C PRO A 142 8.28 -7.34 -5.42
N LYS A 143 9.60 -7.55 -5.43
CA LYS A 143 10.48 -6.75 -6.28
C LYS A 143 10.46 -7.18 -7.74
N ASP A 144 10.19 -8.45 -8.02
CA ASP A 144 10.24 -8.94 -9.40
C ASP A 144 9.19 -8.21 -10.25
N ILE A 145 9.64 -7.69 -11.40
CA ILE A 145 8.79 -6.92 -12.30
C ILE A 145 9.46 -6.93 -13.66
N ASN A 146 8.66 -7.04 -14.73
CA ASN A 146 9.18 -6.92 -16.08
C ASN A 146 8.42 -5.83 -16.83
N VAL A 147 9.15 -4.94 -17.50
CA VAL A 147 8.52 -3.82 -18.21
C VAL A 147 8.91 -3.87 -19.68
N LYS A 148 7.94 -3.56 -20.52
CA LYS A 148 8.11 -3.51 -21.95
C LYS A 148 7.62 -2.16 -22.44
N TRP A 149 8.26 -1.67 -23.50
CA TRP A 149 7.86 -0.46 -24.18
C TRP A 149 7.21 -0.83 -25.49
N LYS A 150 6.16 -0.11 -25.86
CA LYS A 150 5.43 -0.33 -27.10
C LYS A 150 5.29 1.00 -27.81
N ILE A 151 5.67 1.05 -29.08
CA ILE A 151 5.47 2.21 -29.94
C ILE A 151 4.49 1.81 -31.03
N ASP A 152 3.33 2.48 -31.04
CA ASP A 152 2.22 2.13 -31.93
C ASP A 152 1.98 0.64 -31.97
N GLY A 153 1.85 0.06 -30.77
CA GLY A 153 1.54 -1.36 -30.63
C GLY A 153 2.67 -2.32 -30.95
N SER A 154 3.86 -1.83 -31.28
CA SER A 154 5.01 -2.69 -31.53
C SER A 154 6.00 -2.51 -30.40
N GLU A 155 6.62 -3.62 -29.99
CA GLU A 155 7.50 -3.58 -28.84
C GLU A 155 8.84 -2.96 -29.23
N ARG A 156 9.38 -2.13 -28.34
CA ARG A 156 10.68 -1.49 -28.53
C ARG A 156 11.63 -1.87 -27.41
N GLN A 157 12.84 -2.30 -27.78
CA GLN A 157 13.87 -2.61 -26.79
C GLN A 157 15.07 -1.68 -26.84
N ASN A 158 15.34 -1.02 -27.95
CA ASN A 158 16.55 -0.22 -28.07
C ASN A 158 16.26 1.20 -27.61
N GLY A 159 17.20 1.76 -26.86
CA GLY A 159 17.02 3.06 -26.26
C GLY A 159 16.42 3.07 -24.87
N VAL A 160 16.35 1.91 -24.20
CA VAL A 160 15.67 1.76 -22.91
C VAL A 160 16.69 1.60 -21.79
N LEU A 161 16.60 2.47 -20.79
CA LEU A 161 17.39 2.36 -19.56
C LEU A 161 16.48 2.32 -18.35
N ASN A 162 16.84 1.48 -17.39
CA ASN A 162 16.06 1.24 -16.17
C ASN A 162 16.92 1.50 -14.95
N SER A 163 16.31 2.05 -13.90
CA SER A 163 16.93 2.06 -12.57
C SER A 163 15.87 1.60 -11.58
N TRP A 164 16.33 1.09 -10.45
CA TRP A 164 15.44 0.67 -9.37
C TRP A 164 16.04 1.10 -8.04
N THR A 165 15.19 1.37 -7.07
CA THR A 165 15.64 1.64 -5.72
C THR A 165 15.76 0.33 -4.93
N ASP A 166 16.37 0.41 -3.75
CA ASP A 166 16.25 -0.72 -2.83
C ASP A 166 14.97 -0.58 -2.01
N GLN A 167 14.75 -1.52 -1.08
CA GLN A 167 13.50 -1.56 -0.36
C GLN A 167 13.32 -0.28 0.47
N ASP A 168 12.15 0.37 0.30
CA ASP A 168 11.89 1.64 0.97
C ASP A 168 11.88 1.47 2.48
N SER A 169 12.30 2.53 3.20
CA SER A 169 12.50 2.45 4.65
C SER A 169 11.23 2.53 5.48
N LYS A 170 10.08 2.85 4.89
CA LYS A 170 8.85 2.97 5.66
C LYS A 170 7.85 1.91 5.19
N ASP A 171 7.36 2.04 3.96
CA ASP A 171 6.40 1.11 3.38
C ASP A 171 7.01 -0.24 3.00
N SER A 172 8.35 -0.34 2.95
CA SER A 172 9.05 -1.55 2.48
C SER A 172 8.74 -1.94 1.03
N THR A 173 8.36 -1.00 0.19
CA THR A 173 8.14 -1.32 -1.20
C THR A 173 9.38 -1.02 -2.03
N TYR A 174 9.31 -1.41 -3.30
CA TYR A 174 10.29 -1.14 -4.31
C TYR A 174 9.69 -0.20 -5.37
N SER A 175 10.55 0.55 -6.05
CA SER A 175 10.11 1.44 -7.13
C SER A 175 11.06 1.31 -8.31
N MET A 176 10.60 1.75 -9.48
CA MET A 176 11.41 1.55 -10.69
C MET A 176 11.12 2.67 -11.68
N SER A 177 12.16 3.05 -12.44
CA SER A 177 12.06 4.05 -13.50
C SER A 177 12.55 3.43 -14.79
N SER A 178 11.85 3.66 -15.88
CA SER A 178 12.27 3.12 -17.17
C SER A 178 12.19 4.25 -18.18
N THR A 179 13.25 4.47 -18.97
CA THR A 179 13.31 5.61 -19.89
C THR A 179 13.59 5.15 -21.31
N LEU A 180 12.70 5.51 -22.22
CA LEU A 180 12.90 5.27 -23.66
C LEU A 180 13.40 6.57 -24.28
N THR A 181 14.66 6.60 -24.69
CA THR A 181 15.22 7.79 -25.31
C THR A 181 15.26 7.63 -26.82
N LEU A 182 14.77 8.65 -27.53
CA LEU A 182 14.72 8.70 -28.97
C LEU A 182 15.27 10.05 -29.44
N THR A 183 15.57 10.12 -30.72
CA THR A 183 15.76 11.42 -31.35
C THR A 183 14.39 12.09 -31.50
N LYS A 184 14.40 13.42 -31.55
CA LYS A 184 13.16 14.15 -31.77
C LYS A 184 12.49 13.71 -33.07
N ASP A 185 13.28 13.31 -34.05
CA ASP A 185 12.75 13.07 -35.38
C ASP A 185 12.09 11.70 -35.49
N GLU A 186 12.61 10.70 -34.77
CA GLU A 186 11.89 9.44 -34.76
C GLU A 186 10.70 9.54 -33.82
N TYR A 187 10.83 10.36 -32.77
CA TYR A 187 9.75 10.54 -31.81
C TYR A 187 8.50 11.07 -32.48
N GLU A 188 8.65 12.01 -33.41
CA GLU A 188 7.49 12.66 -34.02
C GLU A 188 7.00 11.94 -35.27
N ARG A 189 7.55 10.78 -35.59
CA ARG A 189 6.97 9.96 -36.64
C ARG A 189 6.14 8.80 -36.09
N HIS A 190 5.89 8.79 -34.78
CA HIS A 190 4.99 7.81 -34.18
C HIS A 190 3.95 8.50 -33.32
N ASN A 191 2.88 7.75 -33.04
CA ASN A 191 1.69 8.30 -32.41
C ASN A 191 1.54 7.90 -30.94
N SER A 192 1.64 6.62 -30.62
CA SER A 192 1.33 6.07 -29.30
C SER A 192 2.60 5.57 -28.62
N TYR A 193 2.77 5.91 -27.35
CA TYR A 193 3.84 5.38 -26.53
C TYR A 193 3.22 4.75 -25.29
N THR A 194 3.65 3.52 -24.95
CA THR A 194 3.09 2.84 -23.81
C THR A 194 4.19 2.03 -23.10
N CYS A 195 4.23 2.14 -21.77
CA CYS A 195 4.96 1.20 -20.94
C CYS A 195 3.95 0.30 -20.25
N GLU A 196 4.27 -0.99 -20.18
CA GLU A 196 3.41 -1.98 -19.52
C GLU A 196 4.27 -2.91 -18.65
N ALA A 197 3.86 -3.07 -17.41
CA ALA A 197 4.53 -3.93 -16.45
C ALA A 197 3.75 -5.22 -16.24
N THR A 198 4.47 -6.31 -16.15
CA THR A 198 3.94 -7.55 -15.66
C THR A 198 4.46 -7.73 -14.24
N HIS A 199 3.53 -8.00 -13.31
CA HIS A 199 3.83 -8.10 -11.89
C HIS A 199 2.92 -9.18 -11.29
N LYS A 200 3.36 -9.72 -10.15
CA LYS A 200 2.60 -10.79 -9.50
C LYS A 200 1.20 -10.35 -9.11
N THR A 201 1.04 -9.09 -8.67
CA THR A 201 -0.23 -8.61 -8.14
C THR A 201 -1.33 -8.54 -9.19
N SER A 202 -1.01 -8.63 -10.48
CA SER A 202 -2.05 -8.50 -11.48
C SER A 202 -1.89 -9.60 -12.52
N THR A 203 -3.01 -10.02 -13.05
CA THR A 203 -3.07 -11.05 -14.07
C THR A 203 -3.05 -10.49 -15.49
N SER A 204 -3.17 -9.18 -15.64
CA SER A 204 -2.96 -8.49 -16.91
C SER A 204 -1.80 -7.52 -16.78
N PRO A 205 -1.16 -7.14 -17.89
CA PRO A 205 -0.16 -6.06 -17.83
C PRO A 205 -0.80 -4.80 -17.28
N ILE A 206 -0.03 -4.05 -16.49
CA ILE A 206 -0.41 -2.72 -16.02
C ILE A 206 0.11 -1.70 -17.04
N VAL A 207 -0.80 -0.99 -17.70
CA VAL A 207 -0.53 -0.21 -18.90
C VAL A 207 -0.64 1.28 -18.58
N LYS A 208 0.34 2.05 -19.03
CA LYS A 208 0.15 3.48 -19.17
C LYS A 208 0.68 3.93 -20.52
N SER A 209 0.03 4.93 -21.08
CA SER A 209 0.17 5.21 -22.49
C SER A 209 -0.26 6.65 -22.74
N PHE A 210 0.29 7.25 -23.78
CA PHE A 210 -0.23 8.53 -24.25
C PHE A 210 -0.13 8.51 -25.76
N ASN A 211 -0.88 9.40 -26.38
CA ASN A 211 -0.90 9.47 -27.83
C ASN A 211 -0.72 10.93 -28.21
N ARG A 212 0.32 11.21 -28.99
CA ARG A 212 0.66 12.59 -29.29
C ARG A 212 -0.46 13.34 -30.00
N ASN A 213 -1.34 12.62 -30.70
CA ASN A 213 -2.43 13.22 -31.44
C ASN A 213 -3.68 13.47 -30.61
N GLU A 214 -3.83 12.80 -29.47
CA GLU A 214 -5.00 13.04 -28.63
C GLU A 214 -4.69 14.24 -27.74
N CYS A 215 -4.41 15.34 -28.44
CA CYS A 215 -4.09 16.66 -27.95
C CYS A 215 -2.71 16.71 -27.30
N GLN B 1 40.94 -0.55 19.83
CA GLN B 1 40.14 -0.02 18.74
C GLN B 1 40.94 -0.18 17.46
N VAL B 2 40.71 -1.29 16.78
CA VAL B 2 41.30 -1.57 15.48
C VAL B 2 40.54 -0.81 14.40
N GLN B 3 41.28 -0.32 13.41
CA GLN B 3 40.70 0.54 12.39
C GLN B 3 41.55 0.43 11.14
N LEU B 4 40.92 0.20 10.01
CA LEU B 4 41.57 0.28 8.69
C LEU B 4 40.93 1.43 7.92
N MET B 5 41.72 2.47 7.63
CA MET B 5 41.24 3.65 6.93
C MET B 5 41.88 3.72 5.54
N GLU B 6 41.05 3.90 4.51
CA GLU B 6 41.58 3.90 3.15
C GLU B 6 41.54 5.32 2.60
N SER B 7 42.28 5.57 1.52
CA SER B 7 42.27 6.90 0.91
C SER B 7 40.94 7.12 0.19
N GLY B 8 40.71 8.39 -0.24
CA GLY B 8 39.45 8.83 -0.79
C GLY B 8 39.15 8.31 -2.21
N PRO B 9 37.98 8.67 -2.74
CA PRO B 9 37.60 8.23 -4.08
C PRO B 9 38.45 8.86 -5.16
N GLU B 10 38.59 8.14 -6.29
CA GLU B 10 39.43 8.65 -7.38
C GLU B 10 38.82 8.40 -8.74
N LEU B 11 38.92 9.42 -9.58
CA LEU B 11 38.48 9.40 -10.97
C LEU B 11 39.72 9.37 -11.85
N LYS B 12 39.79 8.39 -12.75
CA LYS B 12 40.93 8.24 -13.62
C LYS B 12 40.46 7.92 -15.04
N LYS B 13 41.33 8.13 -16.02
CA LYS B 13 41.04 7.83 -17.41
C LYS B 13 41.74 6.56 -17.83
N PRO B 14 41.28 5.92 -18.89
CA PRO B 14 41.87 4.63 -19.29
C PRO B 14 43.35 4.77 -19.57
N GLY B 15 44.12 3.79 -19.09
CA GLY B 15 45.58 3.81 -19.27
C GLY B 15 46.32 4.49 -18.16
N GLU B 16 45.64 5.25 -17.30
CA GLU B 16 46.28 5.83 -16.14
C GLU B 16 46.60 4.74 -15.12
N THR B 17 47.22 5.14 -14.03
CA THR B 17 47.48 4.24 -12.91
C THR B 17 46.92 4.90 -11.66
N VAL B 18 46.50 4.08 -10.69
CA VAL B 18 46.01 4.58 -9.42
C VAL B 18 46.68 3.78 -8.31
N LYS B 19 46.95 4.45 -7.18
CA LYS B 19 47.47 3.80 -5.98
C LYS B 19 46.56 4.14 -4.80
N ILE B 20 46.12 3.10 -4.10
CA ILE B 20 45.13 3.20 -3.02
C ILE B 20 45.82 2.83 -1.71
N SER B 21 45.61 3.64 -0.68
CA SER B 21 46.27 3.38 0.60
C SER B 21 45.28 2.82 1.61
N CYS B 22 45.81 2.03 2.54
CA CYS B 22 45.04 1.43 3.63
C CYS B 22 45.88 1.49 4.89
N LYS B 23 45.50 2.35 5.82
CA LYS B 23 46.27 2.59 7.04
C LYS B 23 45.65 1.88 8.24
N ALA B 24 46.45 1.08 8.93
CA ALA B 24 45.97 0.31 10.08
C ALA B 24 46.34 1.00 11.38
N SER B 25 45.39 1.06 12.31
CA SER B 25 45.64 1.58 13.64
C SER B 25 45.11 0.59 14.67
N GLY B 26 45.63 0.71 15.90
CA GLY B 26 45.15 -0.01 17.06
C GLY B 26 45.62 -1.44 17.19
N TYR B 27 46.59 -1.86 16.38
CA TYR B 27 47.18 -3.19 16.48
C TYR B 27 48.54 -3.12 15.81
N THR B 28 49.32 -4.19 16.01
CA THR B 28 50.70 -4.31 15.52
C THR B 28 50.67 -4.67 14.03
N PHE B 29 50.95 -3.69 13.18
CA PHE B 29 50.78 -3.87 11.74
C PHE B 29 51.42 -5.16 11.23
N THR B 30 52.64 -5.47 11.71
CA THR B 30 53.41 -6.60 11.19
C THR B 30 52.94 -7.97 11.67
N ASP B 31 51.96 -8.05 12.57
CA ASP B 31 51.50 -9.34 13.06
C ASP B 31 50.32 -9.92 12.28
N TYR B 32 49.83 -9.22 11.27
CA TYR B 32 48.71 -9.72 10.47
C TYR B 32 48.96 -9.42 9.00
N SER B 33 48.66 -10.38 8.15
CA SER B 33 48.65 -10.10 6.72
C SER B 33 47.58 -9.07 6.38
N MET B 34 47.62 -8.65 5.12
CA MET B 34 46.69 -7.69 4.57
C MET B 34 46.19 -8.23 3.24
N HIS B 35 44.87 -8.25 3.09
CA HIS B 35 44.21 -8.75 1.90
C HIS B 35 43.59 -7.60 1.13
N TRP B 36 43.31 -7.82 -0.15
CA TRP B 36 42.61 -6.85 -0.97
C TRP B 36 41.49 -7.56 -1.72
N VAL B 37 40.32 -6.91 -1.79
CA VAL B 37 39.10 -7.49 -2.36
C VAL B 37 38.42 -6.47 -3.25
N LYS B 38 37.95 -6.92 -4.41
CA LYS B 38 37.28 -6.03 -5.34
C LYS B 38 35.78 -6.32 -5.35
N GLN B 39 34.98 -5.28 -5.18
CA GLN B 39 33.55 -5.38 -5.45
C GLN B 39 33.18 -4.52 -6.66
N ALA B 40 32.62 -5.18 -7.67
CA ALA B 40 31.89 -4.49 -8.72
C ALA B 40 30.53 -3.99 -8.22
N PRO B 41 29.98 -2.97 -8.89
CA PRO B 41 28.81 -2.22 -8.43
C PRO B 41 27.59 -3.13 -8.29
N GLY B 42 27.44 -4.06 -9.22
CA GLY B 42 26.40 -5.06 -9.13
C GLY B 42 26.55 -5.94 -7.89
N LYS B 43 27.78 -6.28 -7.56
CA LYS B 43 28.32 -7.61 -7.81
C LYS B 43 29.02 -8.18 -6.58
N GLY B 44 29.15 -9.50 -6.53
CA GLY B 44 29.67 -10.19 -5.36
C GLY B 44 31.15 -9.98 -5.15
N LEU B 45 31.59 -10.14 -3.91
CA LEU B 45 32.98 -9.90 -3.54
C LEU B 45 33.94 -10.87 -4.23
N LYS B 46 35.09 -10.35 -4.64
CA LYS B 46 36.12 -11.13 -5.32
C LYS B 46 37.49 -10.81 -4.76
N TRP B 47 38.18 -11.85 -4.31
CA TRP B 47 39.50 -11.75 -3.66
C TRP B 47 40.60 -11.53 -4.71
N MET B 48 41.47 -10.56 -4.48
CA MET B 48 42.55 -10.29 -5.43
C MET B 48 43.89 -10.90 -5.03
N GLY B 49 44.13 -11.00 -3.73
CA GLY B 49 45.35 -11.61 -3.21
C GLY B 49 45.59 -11.08 -1.81
N TRP B 50 46.83 -11.27 -1.34
CA TRP B 50 47.21 -10.82 -0.01
C TRP B 50 48.70 -10.49 -0.03
N ILE B 51 49.16 -9.76 0.98
CA ILE B 51 50.57 -9.41 1.09
C ILE B 51 51.06 -9.84 2.46
N ASN B 52 52.21 -10.50 2.54
CA ASN B 52 52.79 -10.80 3.83
C ASN B 52 53.18 -9.48 4.48
N THR B 53 52.68 -9.21 5.67
CA THR B 53 53.03 -7.97 6.37
C THR B 53 54.51 -7.93 6.77
N GLY B 54 55.00 -9.03 7.32
CA GLY B 54 56.38 -9.12 7.76
C GLY B 54 57.46 -9.08 6.69
N THR B 55 57.23 -9.82 5.61
CA THR B 55 58.20 -9.89 4.51
C THR B 55 57.87 -8.98 3.34
N GLY B 56 56.73 -8.31 3.39
CA GLY B 56 56.32 -7.43 2.32
C GLY B 56 56.22 -8.13 0.96
N GLU B 57 55.70 -9.36 0.95
CA GLU B 57 55.58 -10.12 -0.29
C GLU B 57 54.14 -10.37 -0.70
N PRO B 58 53.81 -10.01 -1.95
CA PRO B 58 52.49 -10.18 -2.57
C PRO B 58 52.18 -11.62 -2.96
N THR B 59 50.94 -12.05 -2.75
CA THR B 59 50.38 -13.19 -3.46
C THR B 59 49.10 -12.78 -4.18
N PHE B 60 48.98 -13.14 -5.45
CA PHE B 60 47.88 -12.66 -6.27
C PHE B 60 47.00 -13.81 -6.74
N ALA B 61 45.69 -13.60 -6.77
CA ALA B 61 44.83 -14.51 -7.50
C ALA B 61 45.19 -14.46 -8.98
N ALA B 62 44.85 -15.54 -9.69
CA ALA B 62 45.20 -15.65 -11.10
C ALA B 62 44.56 -14.54 -11.94
N ASP B 63 43.36 -14.07 -11.58
CA ASP B 63 42.70 -13.02 -12.34
C ASP B 63 43.20 -11.61 -12.03
N PHE B 64 44.09 -11.48 -11.06
CA PHE B 64 44.65 -10.18 -10.69
C PHE B 64 46.17 -10.10 -10.88
N LYS B 65 46.72 -10.99 -11.72
CA LYS B 65 48.16 -11.03 -11.95
C LYS B 65 48.72 -10.21 -13.11
N GLY B 66 49.75 -9.43 -12.82
CA GLY B 66 50.48 -8.62 -13.78
C GLY B 66 50.12 -7.16 -13.99
N ARG B 67 48.91 -6.77 -13.58
CA ARG B 67 48.47 -5.37 -13.69
C ARG B 67 48.20 -4.74 -12.32
N PHE B 68 48.52 -5.47 -11.26
CA PHE B 68 48.26 -5.06 -9.90
C PHE B 68 49.51 -5.25 -9.06
N ALA B 69 49.65 -4.43 -8.02
CA ALA B 69 50.83 -4.44 -7.17
C ALA B 69 50.42 -4.17 -5.74
N PHE B 70 50.96 -4.96 -4.83
CA PHE B 70 50.83 -4.71 -3.40
C PHE B 70 52.14 -4.20 -2.83
N SER B 71 52.07 -3.24 -1.91
CA SER B 71 53.29 -2.72 -1.34
C SER B 71 53.02 -2.30 0.09
N LEU B 72 54.10 -2.01 0.82
CA LEU B 72 54.01 -1.59 2.20
C LEU B 72 54.89 -0.38 2.45
N GLU B 73 54.54 0.31 3.55
CA GLU B 73 55.39 1.27 4.23
C GLU B 73 55.19 0.92 5.71
N THR B 74 56.06 0.03 6.21
CA THR B 74 55.88 -0.57 7.52
C THR B 74 55.88 0.47 8.64
N SER B 75 56.82 1.42 8.60
CA SER B 75 56.92 2.40 9.68
C SER B 75 55.61 3.14 9.88
N ALA B 76 54.81 3.29 8.81
CA ALA B 76 53.57 4.05 8.87
C ALA B 76 52.34 3.14 8.90
N SER B 77 52.53 1.83 9.02
CA SER B 77 51.45 0.83 9.12
C SER B 77 50.41 1.01 8.03
N THR B 78 50.87 1.19 6.80
CA THR B 78 49.96 1.29 5.68
C THR B 78 50.34 0.30 4.60
N ALA B 79 49.32 -0.19 3.92
CA ALA B 79 49.46 -1.06 2.77
C ALA B 79 48.91 -0.34 1.55
N TYR B 80 49.52 -0.60 0.41
CA TYR B 80 49.14 0.06 -0.83
C TYR B 80 48.73 -0.98 -1.87
N LEU B 81 47.77 -0.56 -2.69
CA LEU B 81 47.32 -1.30 -3.85
C LEU B 81 47.47 -0.37 -5.04
N GLN B 82 48.14 -0.83 -6.08
CA GLN B 82 48.35 0.01 -7.25
C GLN B 82 47.86 -0.76 -8.45
N ILE B 83 47.07 -0.09 -9.30
CA ILE B 83 46.56 -0.70 -10.51
C ILE B 83 47.17 0.06 -11.66
N ASN B 84 47.74 -0.68 -12.60
CA ASN B 84 48.41 -0.14 -13.77
C ASN B 84 47.49 -0.27 -14.98
N ASN B 85 47.72 0.60 -15.95
CA ASN B 85 47.02 0.59 -17.23
C ASN B 85 45.52 0.36 -17.02
N LEU B 86 44.90 1.33 -16.35
CA LEU B 86 43.53 1.18 -15.90
C LEU B 86 42.62 0.89 -17.08
N LYS B 87 41.79 -0.14 -16.92
CA LYS B 87 40.81 -0.49 -17.92
C LYS B 87 39.43 -0.22 -17.38
N ASN B 88 38.45 -0.31 -18.28
CA ASN B 88 37.10 0.11 -17.94
C ASN B 88 36.54 -0.75 -16.81
N GLU B 89 36.77 -2.06 -16.87
CA GLU B 89 36.24 -2.96 -15.86
C GLU B 89 36.99 -2.90 -14.52
N ASP B 90 37.99 -2.02 -14.36
CA ASP B 90 38.49 -1.73 -13.02
C ASP B 90 37.60 -0.77 -12.24
N THR B 91 36.50 -0.28 -12.85
CA THR B 91 35.54 0.52 -12.10
C THR B 91 34.90 -0.34 -11.02
N ALA B 92 35.15 -0.01 -9.76
CA ALA B 92 34.71 -0.85 -8.65
C ALA B 92 35.04 -0.22 -7.32
N SER B 93 34.59 -0.85 -6.23
CA SER B 93 35.06 -0.52 -4.89
C SER B 93 36.12 -1.55 -4.54
N TYR B 94 37.19 -1.08 -3.90
CA TYR B 94 38.31 -1.92 -3.49
C TYR B 94 38.42 -1.80 -1.97
N PHE B 95 38.54 -2.94 -1.31
CA PHE B 95 38.63 -2.99 0.14
C PHE B 95 39.96 -3.61 0.55
N CYS B 96 40.55 -3.08 1.60
CA CYS B 96 41.58 -3.80 2.33
C CYS B 96 40.94 -4.50 3.53
N ALA B 97 41.52 -5.64 3.91
CA ALA B 97 41.00 -6.39 5.05
C ALA B 97 42.15 -7.10 5.76
N ARG B 98 42.10 -7.09 7.09
CA ARG B 98 43.13 -7.70 7.92
C ARG B 98 43.03 -9.23 7.89
N GLY B 99 44.13 -9.89 7.56
CA GLY B 99 44.15 -11.35 7.44
C GLY B 99 44.35 -12.05 8.77
N VAL B 100 43.57 -13.11 8.99
CA VAL B 100 43.75 -13.91 10.20
C VAL B 100 44.10 -15.34 9.80
N GLY B 101 44.95 -15.46 8.77
CA GLY B 101 45.48 -16.75 8.36
C GLY B 101 44.39 -17.69 7.86
N LEU B 102 44.39 -18.90 8.40
CA LEU B 102 43.41 -19.92 8.02
C LEU B 102 41.98 -19.48 8.30
N TYR B 103 41.76 -18.47 9.14
CA TYR B 103 40.40 -18.00 9.39
C TYR B 103 40.02 -16.81 8.51
N GLY B 104 40.82 -16.49 7.49
CA GLY B 104 40.39 -15.50 6.51
C GLY B 104 40.69 -14.09 6.92
N VAL B 105 39.68 -13.22 6.88
CA VAL B 105 39.84 -11.81 7.19
C VAL B 105 38.83 -11.43 8.26
N ASP B 106 39.20 -10.47 9.11
CA ASP B 106 38.28 -10.02 10.15
C ASP B 106 37.93 -8.53 9.99
N TYR B 107 38.85 -7.60 10.18
CA TYR B 107 38.50 -6.19 9.98
C TYR B 107 38.65 -5.76 8.52
N TRP B 108 37.76 -4.85 8.09
CA TRP B 108 37.70 -4.33 6.74
C TRP B 108 37.88 -2.82 6.77
N GLY B 109 38.57 -2.28 5.75
CA GLY B 109 38.61 -0.84 5.56
C GLY B 109 37.30 -0.37 4.96
N GLN B 110 37.08 0.94 4.97
CA GLN B 110 35.78 1.43 4.50
C GLN B 110 35.59 1.31 2.99
N GLY B 111 36.61 0.97 2.23
CA GLY B 111 36.43 0.88 0.79
C GLY B 111 36.81 2.16 0.06
N THR B 112 37.31 1.99 -1.17
CA THR B 112 37.68 3.08 -2.06
C THR B 112 37.04 2.82 -3.41
N SER B 113 36.25 3.77 -3.88
CA SER B 113 35.66 3.63 -5.21
C SER B 113 36.62 4.17 -6.26
N VAL B 114 36.67 3.47 -7.38
CA VAL B 114 37.50 3.82 -8.52
C VAL B 114 36.60 3.84 -9.75
N THR B 115 36.67 4.93 -10.51
CA THR B 115 35.94 5.09 -11.76
C THR B 115 36.95 5.34 -12.88
N VAL B 116 36.85 4.55 -13.95
CA VAL B 116 37.66 4.75 -15.15
C VAL B 116 36.74 5.11 -16.28
N SER B 117 37.06 6.21 -16.98
CA SER B 117 36.28 6.65 -18.13
C SER B 117 36.92 7.88 -18.74
N SER B 118 36.63 8.09 -20.03
CA SER B 118 37.18 9.22 -20.79
C SER B 118 36.35 10.51 -20.81
N PRO B 119 35.12 10.60 -20.26
CA PRO B 119 34.41 11.87 -20.37
C PRO B 119 35.04 12.93 -19.50
N LYS B 120 34.77 14.16 -19.89
CA LYS B 120 35.16 15.36 -19.16
C LYS B 120 33.98 15.79 -18.29
N THR B 121 34.28 16.61 -17.29
CA THR B 121 33.23 17.16 -16.44
C THR B 121 32.19 17.88 -17.29
N THR B 122 30.92 17.48 -17.11
CA THR B 122 29.82 18.02 -17.88
C THR B 122 28.61 18.29 -16.98
N PRO B 123 28.02 19.47 -17.06
CA PRO B 123 26.83 19.76 -16.26
C PRO B 123 25.57 19.16 -16.88
N PRO B 124 24.61 18.76 -16.06
CA PRO B 124 23.38 18.14 -16.58
C PRO B 124 22.44 19.15 -17.21
N SER B 125 21.68 18.66 -18.19
CA SER B 125 20.41 19.27 -18.56
C SER B 125 19.33 18.74 -17.63
N VAL B 126 18.46 19.62 -17.14
CA VAL B 126 17.45 19.26 -16.16
C VAL B 126 16.08 19.55 -16.77
N TYR B 127 15.23 18.53 -16.83
CA TYR B 127 13.92 18.65 -17.50
C TYR B 127 12.78 18.43 -16.53
N PRO B 128 11.90 19.41 -16.34
CA PRO B 128 10.68 19.16 -15.57
C PRO B 128 9.76 18.23 -16.35
N LEU B 129 9.06 17.36 -15.62
CA LEU B 129 8.17 16.39 -16.24
C LEU B 129 6.79 16.58 -15.65
N ALA B 130 5.90 17.23 -16.41
CA ALA B 130 4.54 17.46 -15.97
C ALA B 130 3.61 16.32 -16.40
N PRO B 131 2.61 16.00 -15.58
CA PRO B 131 1.77 14.83 -15.86
C PRO B 131 0.90 15.03 -17.10
N VAL B 132 0.49 13.89 -17.67
CA VAL B 132 -0.56 13.83 -18.69
C VAL B 132 -1.74 13.03 -18.14
N CYS B 133 -2.70 12.66 -18.99
CA CYS B 133 -4.05 12.32 -18.53
C CYS B 133 -4.08 11.25 -17.45
N GLY B 134 -3.46 10.09 -17.67
CA GLY B 134 -3.60 9.05 -16.67
C GLY B 134 -2.59 9.09 -15.51
N ASP B 135 -1.90 10.20 -15.30
CA ASP B 135 -0.91 10.27 -14.23
C ASP B 135 -1.51 10.73 -12.90
N THR B 136 -2.85 10.73 -12.82
CA THR B 136 -3.53 10.75 -11.55
C THR B 136 -4.23 9.42 -11.31
N THR B 137 -3.95 8.81 -10.17
CA THR B 137 -4.80 7.77 -9.62
C THR B 137 -5.37 8.19 -8.27
N GLY B 138 -6.69 8.10 -8.12
CA GLY B 138 -7.34 8.56 -6.91
C GLY B 138 -7.10 10.03 -6.64
N SER B 139 -6.79 10.35 -5.40
CA SER B 139 -6.46 11.72 -5.00
C SER B 139 -5.11 12.28 -5.51
N MET B 140 -4.08 11.44 -5.46
CA MET B 140 -2.70 11.80 -5.83
C MET B 140 -2.30 11.98 -7.30
N VAL B 141 -1.30 12.83 -7.54
CA VAL B 141 -0.76 13.08 -8.86
C VAL B 141 0.76 13.05 -8.86
N THR B 142 1.35 12.46 -9.88
CA THR B 142 2.79 12.21 -9.90
C THR B 142 3.50 13.15 -10.88
N LEU B 143 4.55 13.81 -10.38
CA LEU B 143 5.36 14.73 -11.17
C LEU B 143 6.79 14.22 -11.20
N GLY B 144 7.56 14.65 -12.21
CA GLY B 144 8.88 14.11 -12.43
C GLY B 144 9.91 15.17 -12.75
N CYS B 145 11.17 14.73 -12.68
CA CYS B 145 12.33 15.57 -12.94
C CYS B 145 13.37 14.67 -13.59
N LEU B 146 13.84 15.03 -14.77
CA LEU B 146 14.78 14.21 -15.51
C LEU B 146 16.11 14.95 -15.62
N VAL B 147 17.20 14.28 -15.26
CA VAL B 147 18.53 14.90 -15.18
C VAL B 147 19.45 14.12 -16.12
N LYS B 148 19.86 14.75 -17.22
CA LYS B 148 20.50 14.01 -18.28
C LYS B 148 21.88 14.58 -18.66
N GLY B 149 22.79 13.66 -18.95
CA GLY B 149 24.15 13.90 -19.42
C GLY B 149 25.06 14.68 -18.50
N TYR B 150 25.35 14.17 -17.30
CA TYR B 150 26.36 14.79 -16.46
C TYR B 150 27.52 13.84 -16.20
N PHE B 151 28.63 14.43 -15.76
CA PHE B 151 29.82 13.70 -15.27
C PHE B 151 30.67 14.67 -14.43
N PRO B 152 31.22 14.20 -13.31
CA PRO B 152 31.00 12.88 -12.75
C PRO B 152 29.79 12.86 -11.81
N GLU B 153 29.50 11.72 -11.20
CA GLU B 153 28.55 11.73 -10.09
C GLU B 153 29.26 12.42 -8.91
N PRO B 154 28.51 12.88 -7.89
CA PRO B 154 27.06 12.82 -7.61
C PRO B 154 26.31 14.03 -8.13
N VAL B 155 24.98 13.92 -8.19
CA VAL B 155 24.11 15.09 -8.17
C VAL B 155 23.24 14.93 -6.93
N THR B 156 22.81 16.06 -6.37
CA THR B 156 21.83 16.05 -5.30
C THR B 156 20.53 16.64 -5.86
N VAL B 157 19.48 15.83 -5.91
CA VAL B 157 18.13 16.25 -6.31
C VAL B 157 17.24 16.29 -5.08
N THR B 158 16.62 17.44 -4.84
CA THR B 158 15.62 17.64 -3.82
C THR B 158 14.39 18.26 -4.46
N TRP B 159 13.33 18.38 -3.68
CA TRP B 159 12.08 18.99 -4.12
C TRP B 159 11.67 20.07 -3.14
N ASN B 160 11.36 21.25 -3.66
CA ASN B 160 11.12 22.45 -2.86
C ASN B 160 12.11 22.54 -1.70
N SER B 161 13.39 22.39 -2.05
CA SER B 161 14.52 22.55 -1.13
C SER B 161 14.48 21.55 0.04
N GLY B 162 13.91 20.37 -0.21
CA GLY B 162 13.91 19.31 0.78
C GLY B 162 12.66 19.26 1.64
N SER B 163 11.84 20.31 1.64
CA SER B 163 10.59 20.29 2.41
C SER B 163 9.63 19.23 1.89
N LEU B 164 9.80 18.79 0.64
CA LEU B 164 9.00 17.74 0.02
C LEU B 164 9.79 16.45 -0.02
N SER B 165 10.00 15.84 1.14
CA SER B 165 10.62 14.53 1.19
C SER B 165 9.61 13.38 1.09
N SER B 166 8.38 13.62 1.56
CA SER B 166 7.49 12.55 2.03
C SER B 166 7.18 11.53 0.94
N GLY B 167 6.87 11.97 -0.28
CA GLY B 167 6.51 10.96 -1.28
C GLY B 167 7.38 10.93 -2.52
N VAL B 168 8.70 10.92 -2.31
CA VAL B 168 9.72 11.10 -3.35
C VAL B 168 10.38 9.76 -3.63
N HIS B 169 10.65 9.48 -4.90
CA HIS B 169 11.52 8.37 -5.30
C HIS B 169 12.59 8.96 -6.21
N THR B 170 13.85 8.93 -5.78
CA THR B 170 14.98 9.33 -6.59
C THR B 170 15.78 8.08 -6.95
N PHE B 171 16.04 7.91 -8.28
CA PHE B 171 16.58 6.64 -8.73
C PHE B 171 18.10 6.69 -8.92
N PRO B 172 18.82 5.59 -8.74
CA PRO B 172 20.27 5.64 -9.00
C PRO B 172 20.55 6.04 -10.44
N ALA B 173 21.63 6.78 -10.62
CA ALA B 173 22.06 7.11 -11.97
C ALA B 173 22.53 5.87 -12.73
N VAL B 174 22.33 5.89 -14.04
CA VAL B 174 22.82 4.85 -14.95
C VAL B 174 23.64 5.51 -16.06
N LEU B 175 24.61 4.79 -16.61
CA LEU B 175 25.40 5.41 -17.68
C LEU B 175 24.68 5.38 -19.02
N GLN B 176 25.17 6.23 -19.94
CA GLN B 176 24.65 6.55 -21.28
C GLN B 176 25.65 7.45 -21.97
N SER B 177 26.37 6.91 -22.95
CA SER B 177 27.36 7.72 -23.66
C SER B 177 28.40 8.21 -22.68
N ASP B 178 28.83 7.30 -21.81
CA ASP B 178 29.77 7.59 -20.75
C ASP B 178 29.35 8.81 -19.92
N LEU B 179 28.07 9.18 -19.99
CA LEU B 179 27.49 10.18 -19.11
C LEU B 179 26.36 9.55 -18.33
N TYR B 180 25.99 10.22 -17.24
CA TYR B 180 25.00 9.76 -16.27
C TYR B 180 23.67 10.47 -16.45
N THR B 181 22.60 9.75 -16.06
CA THR B 181 21.24 10.29 -15.94
C THR B 181 20.55 9.69 -14.74
N LEU B 182 19.82 10.53 -14.02
CA LEU B 182 18.89 9.99 -13.07
C LEU B 182 17.56 10.69 -13.26
N SER B 183 16.55 10.12 -12.63
CA SER B 183 15.20 10.63 -12.63
C SER B 183 14.73 10.64 -11.19
N SER B 184 13.68 11.42 -10.94
CA SER B 184 13.04 11.45 -9.64
C SER B 184 11.56 11.75 -9.83
N SER B 185 10.71 11.07 -9.05
CA SER B 185 9.27 11.30 -9.06
C SER B 185 8.84 11.75 -7.68
N VAL B 186 7.78 12.56 -7.66
CA VAL B 186 7.19 13.01 -6.41
C VAL B 186 5.69 12.93 -6.58
N THR B 187 5.00 12.43 -5.57
CA THR B 187 3.57 12.22 -5.62
C THR B 187 2.94 13.08 -4.55
N VAL B 188 1.92 13.87 -4.94
CA VAL B 188 1.25 14.80 -4.04
C VAL B 188 -0.26 14.73 -4.32
N PRO B 189 -1.08 15.11 -3.34
CA PRO B 189 -2.53 15.13 -3.61
C PRO B 189 -2.89 16.15 -4.68
N SER B 190 -3.78 15.73 -5.60
CA SER B 190 -4.11 16.57 -6.75
C SER B 190 -4.66 17.92 -6.35
N SER B 191 -4.94 18.16 -5.07
CA SER B 191 -5.43 19.45 -4.62
C SER B 191 -4.34 20.34 -4.06
N THR B 192 -3.08 19.91 -4.10
CA THR B 192 -1.99 20.85 -3.89
C THR B 192 -1.33 21.29 -5.18
N TRP B 193 -1.52 20.57 -6.27
CA TRP B 193 -0.87 20.93 -7.53
C TRP B 193 -1.88 20.94 -8.67
N PRO B 194 -1.82 21.98 -9.54
CA PRO B 194 -0.77 23.00 -9.59
C PRO B 194 -1.02 24.23 -8.74
N SER B 195 -1.95 24.14 -7.79
CA SER B 195 -2.29 25.34 -7.01
C SER B 195 -1.12 25.77 -6.12
N GLU B 196 -0.29 24.82 -5.71
CA GLU B 196 0.91 25.10 -4.93
C GLU B 196 2.13 24.72 -5.77
N THR B 197 3.14 25.57 -5.71
CA THR B 197 4.35 25.42 -6.52
C THR B 197 5.14 24.16 -6.15
N VAL B 198 5.52 23.39 -7.15
CA VAL B 198 6.43 22.25 -6.98
C VAL B 198 7.64 22.43 -7.90
N THR B 199 8.84 22.40 -7.31
CA THR B 199 10.10 22.69 -7.99
C THR B 199 11.16 21.65 -7.65
N CYS B 200 11.76 21.02 -8.66
CA CYS B 200 12.89 20.15 -8.37
C CYS B 200 14.20 20.94 -8.46
N ASN B 201 15.12 20.58 -7.58
CA ASN B 201 16.40 21.27 -7.45
C ASN B 201 17.53 20.28 -7.70
N VAL B 202 18.44 20.63 -8.61
CA VAL B 202 19.59 19.77 -8.91
C VAL B 202 20.86 20.52 -8.59
N ALA B 203 21.73 19.88 -7.81
CA ALA B 203 23.04 20.42 -7.54
C ALA B 203 24.08 19.45 -8.10
N HIS B 204 25.08 19.99 -8.77
CA HIS B 204 26.15 19.20 -9.35
C HIS B 204 27.46 19.86 -8.94
N PRO B 205 28.00 19.52 -7.77
CA PRO B 205 29.14 20.29 -7.26
C PRO B 205 30.40 20.22 -8.14
N ALA B 206 30.59 19.17 -8.95
CA ALA B 206 31.78 19.12 -9.81
C ALA B 206 31.79 20.21 -10.88
N SER B 207 30.63 20.71 -11.28
CA SER B 207 30.59 21.78 -12.25
C SER B 207 30.09 23.08 -11.66
N SER B 208 29.93 23.13 -10.33
CA SER B 208 29.50 24.33 -9.62
C SER B 208 28.13 24.80 -10.10
N THR B 209 27.26 23.90 -10.55
CA THR B 209 25.95 24.34 -11.00
C THR B 209 24.84 23.91 -10.03
N LYS B 210 23.85 24.79 -9.89
CA LYS B 210 22.68 24.56 -9.07
C LYS B 210 21.51 25.16 -9.82
N VAL B 211 20.49 24.35 -10.08
CA VAL B 211 19.44 24.72 -11.02
C VAL B 211 18.09 24.30 -10.45
N ASP B 212 17.08 25.14 -10.64
CA ASP B 212 15.71 24.83 -10.28
C ASP B 212 14.81 24.81 -11.50
N LYS B 213 13.95 23.80 -11.57
CA LYS B 213 12.96 23.74 -12.64
C LYS B 213 11.61 23.51 -11.98
N LYS B 214 10.76 24.51 -12.09
CA LYS B 214 9.40 24.45 -11.60
C LYS B 214 8.61 23.60 -12.60
N ILE B 215 7.76 22.74 -12.09
CA ILE B 215 6.90 21.92 -12.94
C ILE B 215 5.62 22.69 -13.18
N VAL B 216 5.35 22.99 -14.45
CA VAL B 216 4.17 23.76 -14.84
C VAL B 216 3.26 22.89 -15.69
N PRO B 217 1.95 22.97 -15.48
CA PRO B 217 1.03 22.09 -16.21
C PRO B 217 1.19 22.25 -17.72
N ARG B 218 1.01 21.14 -18.43
CA ARG B 218 1.16 21.10 -19.89
C ARG B 218 0.21 22.08 -20.59
N ASP C 1 -44.27 -1.42 -11.24
CA ASP C 1 -44.04 -2.49 -12.22
C ASP C 1 -43.18 -2.01 -13.38
N ILE C 2 -42.36 -0.99 -13.09
CA ILE C 2 -41.51 -0.33 -14.07
C ILE C 2 -40.10 -0.36 -13.48
N VAL C 3 -39.33 -1.31 -13.86
CA VAL C 3 -38.05 -1.47 -13.22
C VAL C 3 -37.07 -0.52 -13.90
N LEU C 4 -36.09 -0.05 -13.13
CA LEU C 4 -35.12 0.94 -13.58
C LEU C 4 -33.76 0.35 -13.27
N THR C 5 -32.97 0.07 -14.30
CA THR C 5 -31.70 -0.63 -14.16
C THR C 5 -30.55 0.36 -14.32
N GLN C 6 -29.68 0.40 -13.30
CA GLN C 6 -28.49 1.24 -13.29
C GLN C 6 -27.24 0.40 -13.47
N SER C 7 -26.32 0.91 -14.27
CA SER C 7 -25.04 0.26 -14.51
C SER C 7 -23.98 1.36 -14.59
N PRO C 8 -22.76 1.07 -14.09
CA PRO C 8 -22.49 -0.21 -13.44
C PRO C 8 -22.92 -0.18 -11.97
N ALA C 9 -22.83 -1.34 -11.31
CA ALA C 9 -23.09 -1.41 -9.87
C ALA C 9 -22.08 -0.58 -9.09
N SER C 10 -20.80 -0.66 -9.47
CA SER C 10 -19.74 0.10 -8.85
C SER C 10 -18.81 0.64 -9.94
N LEU C 11 -18.18 1.77 -9.64
CA LEU C 11 -17.31 2.45 -10.61
C LEU C 11 -16.17 3.07 -9.83
N ALA C 12 -14.94 2.69 -10.16
CA ALA C 12 -13.77 3.27 -9.53
C ALA C 12 -13.30 4.45 -10.37
N VAL C 13 -12.95 5.56 -9.72
CA VAL C 13 -12.69 6.79 -10.44
C VAL C 13 -11.40 7.45 -9.93
N SER C 14 -10.75 8.21 -10.81
CA SER C 14 -9.70 9.14 -10.42
C SER C 14 -10.16 10.53 -10.75
N LEU C 15 -9.70 11.51 -9.97
CA LEU C 15 -10.31 12.81 -10.15
C LEU C 15 -9.72 13.54 -11.35
N GLY C 16 -10.60 14.30 -12.00
CA GLY C 16 -10.37 14.82 -13.32
C GLY C 16 -11.01 13.96 -14.39
N GLN C 17 -11.24 12.68 -14.12
CA GLN C 17 -11.86 11.80 -15.09
C GLN C 17 -13.34 12.12 -15.25
N ARG C 18 -13.87 11.80 -16.43
CA ARG C 18 -15.28 12.01 -16.68
C ARG C 18 -15.93 10.64 -16.59
N ALA C 19 -16.88 10.52 -15.68
CA ALA C 19 -17.59 9.28 -15.43
C ALA C 19 -18.99 9.40 -16.01
N THR C 20 -19.48 8.32 -16.60
CA THR C 20 -20.81 8.26 -17.15
C THR C 20 -21.55 7.13 -16.44
N ILE C 21 -22.65 7.48 -15.79
CA ILE C 21 -23.55 6.51 -15.19
C ILE C 21 -24.77 6.38 -16.10
N SER C 22 -25.22 5.14 -16.32
CA SER C 22 -26.32 4.88 -17.25
C SER C 22 -27.53 4.24 -16.57
N CYS C 23 -28.72 4.77 -16.86
CA CYS C 23 -29.97 4.16 -16.43
C CYS C 23 -30.90 3.85 -17.60
N ARG C 24 -31.44 2.63 -17.63
CA ARG C 24 -32.47 2.28 -18.61
C ARG C 24 -33.80 1.85 -17.98
N ALA C 25 -34.88 2.47 -18.43
CA ALA C 25 -36.23 2.17 -17.96
C ALA C 25 -36.77 0.82 -18.47
N SER C 26 -37.59 0.18 -17.65
CA SER C 26 -38.39 -0.96 -18.09
C SER C 26 -39.43 -0.55 -19.13
N GLN C 27 -40.00 0.63 -18.93
CA GLN C 27 -41.28 0.97 -19.56
C GLN C 27 -41.14 2.01 -20.67
N SER C 28 -41.79 1.73 -21.79
CA SER C 28 -41.63 2.50 -23.02
C SER C 28 -42.25 3.90 -22.91
N VAL C 29 -41.77 4.81 -23.75
CA VAL C 29 -42.26 6.19 -23.82
C VAL C 29 -42.16 6.87 -22.47
N SER C 30 -41.06 6.59 -21.78
CA SER C 30 -40.77 7.19 -20.48
C SER C 30 -40.61 8.71 -20.57
N THR C 31 -40.00 9.18 -21.66
CA THR C 31 -39.67 10.59 -21.87
C THR C 31 -38.78 11.14 -20.76
N SER C 32 -39.18 12.23 -20.12
CA SER C 32 -38.25 13.08 -19.40
C SER C 32 -38.22 12.64 -17.94
N TYR C 33 -38.79 13.43 -17.04
CA TYR C 33 -39.30 12.86 -15.81
C TYR C 33 -38.33 11.80 -15.29
N MET C 34 -37.03 12.12 -15.39
CA MET C 34 -35.99 11.36 -14.75
C MET C 34 -35.23 12.28 -13.83
N HIS C 35 -34.87 11.71 -12.70
CA HIS C 35 -34.13 12.43 -11.70
C HIS C 35 -32.87 11.67 -11.41
N TRP C 36 -31.87 12.40 -10.95
CA TRP C 36 -30.66 11.81 -10.42
C TRP C 36 -30.44 12.40 -9.04
N TYR C 37 -30.06 11.55 -8.10
CA TYR C 37 -29.87 11.92 -6.71
C TYR C 37 -28.51 11.43 -6.26
N GLN C 38 -27.89 12.18 -5.38
CA GLN C 38 -26.61 11.81 -4.79
C GLN C 38 -26.82 11.62 -3.29
N GLN C 39 -26.29 10.51 -2.77
CA GLN C 39 -26.43 10.19 -1.35
C GLN C 39 -25.07 9.71 -0.84
N LYS C 40 -24.54 10.38 0.16
CA LYS C 40 -23.34 9.97 0.87
C LYS C 40 -23.73 9.18 2.12
N PRO C 41 -22.84 8.33 2.65
CA PRO C 41 -23.24 7.41 3.73
C PRO C 41 -23.74 8.16 4.96
N GLY C 42 -24.74 7.57 5.61
CA GLY C 42 -25.33 8.18 6.78
C GLY C 42 -25.97 9.51 6.51
N GLN C 43 -26.40 9.76 5.29
CA GLN C 43 -26.94 11.05 4.88
C GLN C 43 -28.17 10.88 4.00
N PRO C 44 -28.96 11.93 3.85
CA PRO C 44 -30.13 11.88 2.96
C PRO C 44 -29.75 12.17 1.52
N PRO C 45 -30.58 11.72 0.57
CA PRO C 45 -30.32 12.05 -0.84
C PRO C 45 -30.37 13.55 -1.11
N ARG C 46 -29.65 13.96 -2.11
CA ARG C 46 -29.66 15.35 -2.50
C ARG C 46 -29.81 15.41 -4.01
N LEU C 47 -30.53 16.40 -4.50
CA LEU C 47 -30.89 16.33 -5.90
C LEU C 47 -29.84 16.96 -6.81
N LEU C 48 -29.73 16.40 -8.01
CA LEU C 48 -28.75 16.87 -8.98
C LEU C 48 -29.45 17.25 -10.28
N ILE C 49 -30.29 16.33 -10.76
CA ILE C 49 -30.92 16.43 -12.06
C ILE C 49 -32.43 16.23 -11.97
N TYR C 50 -33.17 17.11 -12.63
CA TYR C 50 -34.63 17.00 -12.71
C TYR C 50 -34.98 17.00 -14.19
N LEU C 51 -35.77 15.98 -14.58
CA LEU C 51 -36.26 15.72 -15.96
C LEU C 51 -35.21 15.17 -16.94
N VAL C 52 -34.05 14.80 -16.39
CA VAL C 52 -32.88 14.18 -17.04
C VAL C 52 -32.01 15.11 -17.89
N SER C 53 -32.40 16.37 -18.01
CA SER C 53 -31.61 17.34 -18.78
C SER C 53 -31.29 18.63 -18.04
N ASN C 54 -31.76 18.75 -16.81
CA ASN C 54 -31.56 19.98 -16.04
C ASN C 54 -30.96 19.75 -14.66
N LEU C 55 -30.25 20.76 -14.16
CA LEU C 55 -29.62 20.66 -12.85
C LEU C 55 -30.21 21.69 -11.87
N GLU C 56 -30.55 21.21 -10.68
CA GLU C 56 -31.15 22.06 -9.65
C GLU C 56 -30.17 23.17 -9.28
N SER C 57 -30.65 24.10 -8.44
CA SER C 57 -29.98 25.38 -8.25
C SER C 57 -28.59 25.26 -7.59
N GLY C 58 -28.32 24.20 -6.84
CA GLY C 58 -27.05 24.17 -6.12
C GLY C 58 -25.97 23.33 -6.75
N VAL C 59 -26.31 22.59 -7.80
CA VAL C 59 -25.43 21.58 -8.37
C VAL C 59 -24.32 22.24 -9.17
N PRO C 60 -23.06 21.81 -9.04
CA PRO C 60 -22.00 22.38 -9.87
C PRO C 60 -22.21 22.04 -11.34
N SER C 61 -21.72 22.90 -12.23
CA SER C 61 -21.99 22.65 -13.65
C SER C 61 -21.17 21.51 -14.23
N ARG C 62 -20.29 20.87 -13.47
CA ARG C 62 -19.67 19.64 -13.97
C ARG C 62 -20.69 18.50 -14.08
N PHE C 63 -21.79 18.58 -13.35
CA PHE C 63 -22.81 17.53 -13.41
C PHE C 63 -23.70 17.78 -14.61
N SER C 64 -23.94 16.73 -15.37
CA SER C 64 -24.68 16.86 -16.60
C SER C 64 -25.47 15.58 -16.83
N GLY C 65 -26.64 15.74 -17.42
CA GLY C 65 -27.52 14.60 -17.65
C GLY C 65 -28.17 14.68 -19.01
N SER C 66 -28.53 13.51 -19.53
CA SER C 66 -29.12 13.43 -20.86
C SER C 66 -29.94 12.15 -20.95
N GLY C 67 -30.74 12.06 -22.01
CA GLY C 67 -31.54 10.89 -22.28
C GLY C 67 -33.00 11.26 -22.47
N SER C 68 -33.72 10.39 -23.17
CA SER C 68 -35.13 10.62 -23.40
C SER C 68 -35.85 9.30 -23.33
N GLY C 69 -37.03 9.30 -22.71
CA GLY C 69 -37.77 8.05 -22.61
C GLY C 69 -36.95 7.01 -21.88
N THR C 70 -36.73 5.90 -22.58
CA THR C 70 -36.01 4.75 -22.07
C THR C 70 -34.52 4.84 -21.66
N ASP C 71 -33.68 5.61 -22.36
CA ASP C 71 -32.27 5.52 -21.96
C ASP C 71 -31.78 6.83 -21.36
N PHE C 72 -31.01 6.75 -20.28
CA PHE C 72 -30.57 7.97 -19.63
C PHE C 72 -29.17 7.83 -19.07
N THR C 73 -28.48 8.97 -18.97
CA THR C 73 -27.13 9.04 -18.44
C THR C 73 -26.97 10.21 -17.48
N LEU C 74 -26.20 10.00 -16.43
CA LEU C 74 -25.70 11.09 -15.64
C LEU C 74 -24.20 11.15 -15.95
N ASN C 75 -23.71 12.39 -16.07
CA ASN C 75 -22.36 12.65 -16.52
C ASN C 75 -21.72 13.67 -15.59
N ILE C 76 -20.51 13.36 -15.13
CA ILE C 76 -19.70 14.28 -14.34
C ILE C 76 -18.48 14.58 -15.20
N HIS C 77 -18.29 15.85 -15.58
CA HIS C 77 -17.26 16.14 -16.58
C HIS C 77 -15.83 16.01 -16.02
N PRO C 78 -15.50 16.48 -14.79
CA PRO C 78 -14.26 15.99 -14.17
C PRO C 78 -14.50 15.68 -12.71
N VAL C 79 -14.64 14.39 -12.38
CA VAL C 79 -15.04 14.03 -11.03
C VAL C 79 -14.05 14.60 -10.01
N GLU C 80 -14.57 15.01 -8.87
CA GLU C 80 -13.82 15.56 -7.76
C GLU C 80 -13.95 14.63 -6.56
N ALA C 81 -13.08 14.81 -5.56
CA ALA C 81 -13.15 13.94 -4.40
C ALA C 81 -14.51 14.05 -3.72
N GLU C 82 -15.04 15.27 -3.63
CA GLU C 82 -16.31 15.45 -2.95
C GLU C 82 -17.47 14.78 -3.64
N ASP C 83 -17.27 14.21 -4.84
CA ASP C 83 -18.34 13.55 -5.55
C ASP C 83 -18.42 12.04 -5.25
N GLU C 84 -17.48 11.49 -4.49
CA GLU C 84 -17.60 10.09 -4.08
C GLU C 84 -18.87 9.92 -3.26
N ALA C 85 -19.72 9.01 -3.71
CA ALA C 85 -21.05 8.87 -3.13
C ALA C 85 -21.80 7.80 -3.91
N THR C 86 -23.02 7.52 -3.49
CA THR C 86 -23.91 6.66 -4.25
C THR C 86 -24.82 7.54 -5.12
N TYR C 87 -25.13 7.08 -6.33
CA TYR C 87 -25.92 7.86 -7.27
C TYR C 87 -27.18 7.10 -7.67
N TYR C 88 -28.33 7.69 -7.41
CA TYR C 88 -29.62 7.07 -7.67
C TYR C 88 -30.37 7.82 -8.76
N CYS C 89 -30.92 7.08 -9.72
CA CYS C 89 -31.82 7.65 -10.71
C CYS C 89 -33.24 7.14 -10.51
N GLN C 90 -34.19 8.06 -10.47
CA GLN C 90 -35.60 7.68 -10.34
C GLN C 90 -36.44 8.18 -11.50
N HIS C 91 -37.32 7.33 -12.01
CA HIS C 91 -38.22 7.72 -13.09
C HIS C 91 -39.47 8.34 -12.44
N ILE C 92 -39.82 9.55 -12.87
CA ILE C 92 -41.00 10.22 -12.30
C ILE C 92 -42.23 10.13 -13.21
N ARG C 93 -42.11 9.38 -14.30
CA ARG C 93 -43.19 9.24 -15.27
C ARG C 93 -44.48 8.59 -14.78
N GLU C 94 -44.38 7.53 -13.98
CA GLU C 94 -45.57 6.85 -13.51
C GLU C 94 -45.55 6.47 -12.03
N LEU C 95 -46.72 6.22 -11.46
CA LEU C 95 -46.82 5.82 -10.07
C LEU C 95 -47.13 4.33 -9.99
N THR C 96 -46.32 3.58 -9.24
CA THR C 96 -45.55 4.08 -8.11
C THR C 96 -44.12 4.48 -8.50
N ARG C 97 -43.66 5.60 -7.97
CA ARG C 97 -42.32 6.08 -8.29
C ARG C 97 -41.31 5.01 -7.92
N SER C 98 -40.34 4.81 -8.81
CA SER C 98 -39.32 3.79 -8.59
C SER C 98 -37.92 4.34 -8.78
N GLU C 99 -36.96 3.76 -8.07
CA GLU C 99 -35.58 4.16 -8.13
C GLU C 99 -34.76 2.98 -8.61
N ALA C 100 -33.69 3.27 -9.31
CA ALA C 100 -32.88 2.14 -9.70
C ALA C 100 -32.00 1.73 -8.54
N GLY C 101 -31.51 0.50 -8.60
CA GLY C 101 -30.48 0.04 -7.71
C GLY C 101 -29.32 0.95 -8.00
N PRO C 102 -28.60 1.31 -6.99
CA PRO C 102 -27.67 2.44 -7.11
C PRO C 102 -26.42 2.19 -7.95
N SER C 103 -25.57 3.22 -8.02
CA SER C 103 -24.25 3.13 -8.61
C SER C 103 -23.29 3.78 -7.62
N TRP C 104 -22.31 3.02 -7.14
CA TRP C 104 -21.38 3.53 -6.14
C TRP C 104 -20.11 4.06 -6.79
N LEU C 105 -19.71 5.26 -6.39
CA LEU C 105 -18.55 5.95 -6.94
C LEU C 105 -17.43 5.93 -5.91
N GLU C 106 -16.37 5.19 -6.24
CA GLU C 106 -15.25 4.89 -5.38
C GLU C 106 -13.96 5.44 -5.98
N ILE C 107 -12.97 5.67 -5.11
CA ILE C 107 -11.68 6.22 -5.56
C ILE C 107 -10.73 5.09 -5.91
N LYS C 108 -10.02 5.27 -7.02
CA LYS C 108 -9.11 4.25 -7.53
C LYS C 108 -7.75 4.43 -6.89
N ARG C 109 -7.14 3.32 -6.47
CA ARG C 109 -5.75 3.28 -6.05
C ARG C 109 -5.15 2.00 -6.64
N ALA C 110 -3.85 1.81 -6.42
CA ALA C 110 -3.20 0.59 -6.86
C ALA C 110 -3.67 -0.59 -6.00
N ASP C 111 -3.86 -1.73 -6.64
CA ASP C 111 -4.26 -2.93 -5.91
C ASP C 111 -3.25 -3.26 -4.82
N ALA C 112 -3.76 -3.82 -3.73
CA ALA C 112 -3.00 -4.10 -2.52
C ALA C 112 -3.59 -5.37 -1.92
N ALA C 113 -2.72 -6.30 -1.54
CA ALA C 113 -3.18 -7.53 -0.91
C ALA C 113 -3.54 -7.26 0.54
N PRO C 114 -4.51 -8.04 1.07
CA PRO C 114 -4.80 -8.03 2.52
C PRO C 114 -3.56 -8.35 3.36
N THR C 115 -3.41 -7.60 4.45
CA THR C 115 -2.65 -8.07 5.62
C THR C 115 -3.55 -8.93 6.52
N VAL C 116 -3.17 -10.19 6.72
CA VAL C 116 -4.05 -11.18 7.35
C VAL C 116 -3.50 -11.56 8.72
N SER C 117 -4.38 -11.61 9.71
CA SER C 117 -4.03 -11.90 11.09
C SER C 117 -5.09 -12.85 11.63
N ILE C 118 -4.65 -13.85 12.40
CA ILE C 118 -5.57 -14.81 13.02
C ILE C 118 -5.36 -14.80 14.53
N PHE C 119 -6.45 -14.90 15.28
CA PHE C 119 -6.46 -14.79 16.73
C PHE C 119 -7.28 -15.92 17.34
N PRO C 120 -6.68 -16.76 18.18
CA PRO C 120 -7.44 -17.79 18.90
C PRO C 120 -8.25 -17.19 20.04
N PRO C 121 -9.21 -17.95 20.58
CA PRO C 121 -10.01 -17.50 21.75
C PRO C 121 -9.20 -16.87 22.88
N SER C 122 -9.70 -15.78 23.46
CA SER C 122 -9.12 -15.26 24.69
C SER C 122 -9.36 -16.23 25.85
N SER C 123 -8.45 -16.21 26.82
CA SER C 123 -8.65 -17.05 27.98
C SER C 123 -9.86 -16.61 28.79
N GLU C 124 -10.26 -15.33 28.70
CA GLU C 124 -11.47 -14.90 29.39
C GLU C 124 -12.70 -15.47 28.72
N GLN C 125 -12.67 -15.57 27.39
CA GLN C 125 -13.81 -16.17 26.71
C GLN C 125 -13.89 -17.67 26.97
N LEU C 126 -12.73 -18.34 27.01
CA LEU C 126 -12.72 -19.78 27.30
C LEU C 126 -13.32 -20.10 28.67
N THR C 127 -13.05 -19.28 29.69
CA THR C 127 -13.61 -19.55 31.01
C THR C 127 -15.12 -19.31 31.09
N SER C 128 -15.72 -18.69 30.07
CA SER C 128 -17.16 -18.47 30.01
C SER C 128 -17.87 -19.52 29.19
N GLY C 129 -17.15 -20.51 28.67
CA GLY C 129 -17.69 -21.55 27.81
C GLY C 129 -17.82 -21.22 26.34
N GLY C 130 -17.25 -20.10 25.89
CA GLY C 130 -17.31 -19.71 24.49
C GLY C 130 -15.95 -19.72 23.83
N ALA C 131 -15.89 -19.79 22.49
CA ALA C 131 -14.61 -19.84 21.77
C ALA C 131 -14.78 -19.19 20.39
N SER C 132 -14.29 -17.96 20.25
CA SER C 132 -14.28 -17.26 18.97
C SER C 132 -12.88 -17.21 18.39
N VAL C 133 -12.75 -17.60 17.11
CA VAL C 133 -11.53 -17.40 16.35
C VAL C 133 -11.73 -16.20 15.42
N VAL C 134 -10.85 -15.20 15.53
CA VAL C 134 -10.98 -13.94 14.79
C VAL C 134 -9.84 -13.83 13.77
N CYS C 135 -10.20 -13.35 12.58
CA CYS C 135 -9.32 -13.17 11.43
C CYS C 135 -9.50 -11.74 10.93
N PHE C 136 -8.40 -10.98 10.85
CA PHE C 136 -8.43 -9.64 10.27
C PHE C 136 -7.75 -9.67 8.91
N LEU C 137 -8.39 -9.05 7.91
CA LEU C 137 -7.85 -8.92 6.56
C LEU C 137 -7.83 -7.42 6.30
N ASN C 138 -6.67 -6.77 6.39
CA ASN C 138 -6.64 -5.32 6.51
C ASN C 138 -5.95 -4.66 5.32
N ASN C 139 -6.56 -3.57 4.83
CA ASN C 139 -5.89 -2.63 3.90
C ASN C 139 -5.68 -3.25 2.52
N PHE C 140 -6.74 -3.81 1.96
CA PHE C 140 -6.66 -4.38 0.63
C PHE C 140 -7.41 -3.49 -0.36
N TYR C 141 -7.15 -3.74 -1.64
CA TYR C 141 -7.83 -3.04 -2.75
C TYR C 141 -7.70 -3.87 -4.02
N PRO C 142 -8.80 -4.03 -4.80
CA PRO C 142 -10.20 -3.57 -4.68
C PRO C 142 -10.98 -4.27 -3.57
N LYS C 143 -12.31 -4.07 -3.57
CA LYS C 143 -13.20 -4.53 -2.49
C LYS C 143 -13.46 -6.03 -2.51
N ASP C 144 -13.53 -6.64 -3.70
CA ASP C 144 -13.87 -8.06 -3.81
C ASP C 144 -12.87 -8.90 -3.04
N ILE C 145 -13.41 -9.74 -2.14
CA ILE C 145 -12.61 -10.65 -1.34
C ILE C 145 -13.55 -11.72 -0.80
N ASN C 146 -13.08 -12.96 -0.86
CA ASN C 146 -13.80 -14.12 -0.33
C ASN C 146 -12.91 -14.81 0.70
N VAL C 147 -13.51 -15.21 1.81
CA VAL C 147 -12.78 -15.82 2.92
C VAL C 147 -13.36 -17.19 3.22
N LYS C 148 -12.48 -18.18 3.46
CA LYS C 148 -12.92 -19.51 3.84
C LYS C 148 -12.24 -19.89 5.14
N TRP C 149 -12.99 -20.58 6.00
CA TRP C 149 -12.46 -21.11 7.23
C TRP C 149 -12.33 -22.61 7.05
N LYS C 150 -11.25 -23.16 7.59
CA LYS C 150 -10.99 -24.59 7.56
C LYS C 150 -10.62 -25.03 8.97
N ILE C 151 -11.28 -26.08 9.46
CA ILE C 151 -10.96 -26.71 10.73
C ILE C 151 -10.38 -28.08 10.43
N ASP C 152 -9.12 -28.28 10.83
CA ASP C 152 -8.36 -29.50 10.50
C ASP C 152 -8.50 -29.86 9.02
N GLY C 153 -8.23 -28.88 8.16
CA GLY C 153 -8.21 -29.05 6.74
C GLY C 153 -9.56 -29.18 6.06
N SER C 154 -10.66 -29.11 6.81
CA SER C 154 -12.00 -29.21 6.26
C SER C 154 -12.69 -27.86 6.36
N GLU C 155 -13.47 -27.50 5.34
CA GLU C 155 -14.06 -26.17 5.29
C GLU C 155 -15.24 -26.05 6.26
N ARG C 156 -15.30 -24.92 6.95
CA ARG C 156 -16.39 -24.66 7.89
C ARG C 156 -17.15 -23.43 7.42
N GLN C 157 -18.48 -23.55 7.37
CA GLN C 157 -19.37 -22.47 6.97
C GLN C 157 -20.25 -21.93 8.10
N ASN C 158 -20.58 -22.74 9.11
CA ASN C 158 -21.52 -22.36 10.15
C ASN C 158 -20.79 -21.74 11.34
N GLY C 159 -21.37 -20.68 11.88
CA GLY C 159 -20.76 -19.92 12.95
C GLY C 159 -19.88 -18.77 12.52
N VAL C 160 -19.91 -18.39 11.23
CA VAL C 160 -19.02 -17.35 10.70
C VAL C 160 -19.81 -16.07 10.50
N LEU C 161 -19.34 -14.98 11.12
CA LEU C 161 -19.90 -13.65 10.91
C LEU C 161 -18.81 -12.69 10.43
N ASN C 162 -19.18 -11.81 9.50
CA ASN C 162 -18.22 -10.92 8.83
C ASN C 162 -18.64 -9.45 8.96
N SER C 163 -17.64 -8.57 9.06
CA SER C 163 -17.88 -7.14 8.91
C SER C 163 -16.86 -6.56 7.94
N TRP C 164 -17.26 -5.46 7.31
CA TRP C 164 -16.43 -4.73 6.35
C TRP C 164 -16.48 -3.24 6.69
N THR C 165 -15.39 -2.54 6.45
CA THR C 165 -15.40 -1.09 6.50
C THR C 165 -15.74 -0.56 5.11
N ASP C 166 -16.05 0.74 5.02
CA ASP C 166 -16.08 1.37 3.71
C ASP C 166 -14.66 1.82 3.35
N GLN C 167 -14.50 2.47 2.20
CA GLN C 167 -13.18 2.85 1.74
C GLN C 167 -12.54 3.83 2.72
N ASP C 168 -11.30 3.55 3.13
CA ASP C 168 -10.65 4.42 4.10
C ASP C 168 -10.35 5.78 3.49
N SER C 169 -10.39 6.80 4.32
CA SER C 169 -10.25 8.17 3.85
C SER C 169 -8.80 8.57 3.54
N LYS C 170 -7.82 7.73 3.85
CA LYS C 170 -6.44 8.08 3.61
C LYS C 170 -5.82 7.17 2.54
N ASP C 171 -5.58 5.89 2.89
CA ASP C 171 -5.03 4.99 1.88
C ASP C 171 -6.06 4.58 0.84
N SER C 172 -7.35 4.84 1.05
CA SER C 172 -8.41 4.35 0.17
C SER C 172 -8.45 2.83 0.09
N THR C 173 -7.99 2.12 1.12
CA THR C 173 -8.13 0.67 1.13
C THR C 173 -9.39 0.29 1.88
N TYR C 174 -9.68 -1.00 1.84
CA TYR C 174 -10.76 -1.63 2.58
C TYR C 174 -10.19 -2.63 3.58
N SER C 175 -10.97 -2.92 4.62
CA SER C 175 -10.60 -3.91 5.62
C SER C 175 -11.81 -4.79 5.92
N MET C 176 -11.55 -5.95 6.54
CA MET C 176 -12.63 -6.88 6.78
C MET C 176 -12.30 -7.71 8.01
N SER C 177 -13.32 -8.07 8.76
CA SER C 177 -13.13 -8.94 9.92
C SER C 177 -14.03 -10.15 9.79
N SER C 178 -13.50 -11.32 10.10
CA SER C 178 -14.29 -12.55 10.02
C SER C 178 -14.05 -13.38 11.30
N THR C 179 -15.15 -13.80 11.92
CA THR C 179 -15.12 -14.45 13.24
C THR C 179 -15.85 -15.79 13.17
N LEU C 180 -15.17 -16.86 13.58
CA LEU C 180 -15.76 -18.19 13.71
C LEU C 180 -16.07 -18.48 15.17
N THR C 181 -17.34 -18.46 15.54
CA THR C 181 -17.71 -18.72 16.93
C THR C 181 -18.11 -20.17 17.10
N LEU C 182 -17.55 -20.80 18.12
CA LEU C 182 -17.84 -22.19 18.48
C LEU C 182 -18.08 -22.27 19.98
N THR C 183 -18.60 -23.40 20.44
CA THR C 183 -18.58 -23.68 21.86
C THR C 183 -17.17 -24.03 22.34
N LYS C 184 -16.96 -23.86 23.66
CA LYS C 184 -15.69 -24.23 24.28
C LYS C 184 -15.28 -25.64 23.91
N ASP C 185 -16.24 -26.54 23.90
CA ASP C 185 -15.93 -27.95 23.73
C ASP C 185 -15.86 -28.39 22.28
N GLU C 186 -16.53 -27.71 21.35
CA GLU C 186 -16.18 -28.05 19.98
C GLU C 186 -14.80 -27.52 19.63
N TYR C 187 -14.40 -26.39 20.21
CA TYR C 187 -13.08 -25.82 19.92
C TYR C 187 -11.96 -26.77 20.32
N GLU C 188 -12.05 -27.37 21.51
CA GLU C 188 -10.91 -28.11 22.04
C GLU C 188 -10.89 -29.56 21.60
N ARG C 189 -11.78 -29.95 20.70
CA ARG C 189 -11.72 -31.24 20.02
C ARG C 189 -11.13 -31.15 18.61
N HIS C 190 -10.56 -30.01 18.22
CA HIS C 190 -9.85 -29.92 16.95
C HIS C 190 -8.47 -29.33 17.15
N ASN C 191 -7.60 -29.56 16.15
CA ASN C 191 -6.18 -29.19 16.21
C ASN C 191 -5.87 -27.89 15.46
N SER C 192 -6.31 -27.77 14.21
CA SER C 192 -5.91 -26.69 13.30
C SER C 192 -7.08 -25.78 12.99
N TYR C 193 -6.83 -24.47 12.98
CA TYR C 193 -7.80 -23.47 12.51
C TYR C 193 -7.12 -22.58 11.49
N THR C 194 -7.80 -22.33 10.37
CA THR C 194 -7.23 -21.59 9.26
C THR C 194 -8.28 -20.70 8.63
N CYS C 195 -7.91 -19.43 8.38
CA CYS C 195 -8.64 -18.57 7.46
C CYS C 195 -7.81 -18.34 6.20
N GLU C 196 -8.47 -18.35 5.05
CA GLU C 196 -7.78 -18.13 3.80
C GLU C 196 -8.58 -17.13 2.95
N ALA C 197 -7.86 -16.12 2.46
CA ALA C 197 -8.45 -15.05 1.67
C ALA C 197 -8.13 -15.25 0.20
N THR C 198 -9.15 -15.21 -0.63
CA THR C 198 -8.94 -15.19 -2.08
C THR C 198 -9.20 -13.76 -2.53
N HIS C 199 -8.23 -13.21 -3.24
CA HIS C 199 -8.22 -11.82 -3.66
C HIS C 199 -7.59 -11.75 -5.04
N LYS C 200 -7.93 -10.65 -5.74
CA LYS C 200 -7.44 -10.41 -7.10
C LYS C 200 -5.91 -10.33 -7.16
N THR C 201 -5.29 -9.73 -6.13
CA THR C 201 -3.85 -9.47 -6.14
C THR C 201 -3.01 -10.73 -6.10
N SER C 202 -3.61 -11.87 -5.81
CA SER C 202 -2.85 -13.09 -5.67
C SER C 202 -3.54 -14.19 -6.45
N THR C 203 -2.75 -15.09 -6.98
CA THR C 203 -3.28 -16.23 -7.71
C THR C 203 -3.49 -17.42 -6.79
N SER C 204 -2.96 -17.37 -5.58
CA SER C 204 -3.18 -18.33 -4.52
C SER C 204 -3.90 -17.68 -3.36
N PRO C 205 -4.61 -18.45 -2.54
CA PRO C 205 -5.11 -17.93 -1.28
C PRO C 205 -4.00 -17.43 -0.37
N ILE C 206 -4.31 -16.40 0.38
CA ILE C 206 -3.46 -15.98 1.50
C ILE C 206 -3.94 -16.72 2.75
N VAL C 207 -3.06 -17.53 3.34
CA VAL C 207 -3.44 -18.48 4.40
C VAL C 207 -2.79 -18.07 5.72
N LYS C 208 -3.59 -17.99 6.78
CA LYS C 208 -3.05 -17.85 8.12
C LYS C 208 -3.72 -18.88 9.01
N SER C 209 -2.98 -19.40 9.98
CA SER C 209 -3.35 -20.65 10.60
C SER C 209 -2.66 -20.79 11.96
N PHE C 210 -3.27 -21.56 12.86
CA PHE C 210 -2.58 -21.94 14.10
C PHE C 210 -3.01 -23.35 14.49
N ASN C 211 -2.20 -23.97 15.35
CA ASN C 211 -2.43 -25.34 15.80
C ASN C 211 -2.33 -25.35 17.32
N ARG C 212 -3.40 -25.82 17.98
CA ARG C 212 -3.48 -25.77 19.44
C ARG C 212 -2.37 -26.57 20.09
N ASN C 213 -1.83 -27.57 19.40
CA ASN C 213 -0.78 -28.42 19.93
C ASN C 213 0.62 -27.84 19.71
N GLU C 214 0.81 -26.92 18.76
CA GLU C 214 2.14 -26.32 18.60
C GLU C 214 2.27 -25.12 19.55
N CYS C 215 2.02 -25.46 20.82
CA CYS C 215 2.02 -24.72 22.11
C CYS C 215 1.07 -23.55 22.01
N GLN D 1 -34.44 29.35 2.32
CA GLN D 1 -33.79 28.16 2.84
C GLN D 1 -34.84 27.10 3.16
N VAL D 2 -35.08 26.21 2.22
CA VAL D 2 -36.01 25.12 2.45
C VAL D 2 -35.32 24.08 3.31
N GLN D 3 -36.09 23.49 4.24
CA GLN D 3 -35.55 22.60 5.28
C GLN D 3 -36.64 21.61 5.63
N LEU D 4 -36.30 20.32 5.65
CA LEU D 4 -37.20 19.29 6.15
C LEU D 4 -36.50 18.62 7.33
N MET D 5 -37.00 18.82 8.54
CA MET D 5 -36.36 18.27 9.73
C MET D 5 -37.22 17.17 10.31
N GLU D 6 -36.60 16.02 10.54
CA GLU D 6 -37.30 14.86 11.03
C GLU D 6 -36.96 14.60 12.48
N SER D 7 -37.82 13.82 13.13
CA SER D 7 -37.61 13.47 14.53
C SER D 7 -36.47 12.43 14.65
N GLY D 8 -36.01 12.21 15.88
CA GLY D 8 -34.84 11.42 16.13
C GLY D 8 -35.06 9.92 15.95
N PRO D 9 -33.98 9.15 16.15
CA PRO D 9 -34.06 7.69 15.99
C PRO D 9 -34.99 7.04 17.02
N GLU D 10 -35.49 5.86 16.65
CA GLU D 10 -36.50 5.18 17.47
C GLU D 10 -36.14 3.71 17.63
N LEU D 11 -36.26 3.23 18.87
CA LEU D 11 -36.13 1.82 19.20
C LEU D 11 -37.47 1.30 19.69
N LYS D 12 -38.00 0.27 19.05
CA LYS D 12 -39.31 -0.28 19.37
C LYS D 12 -39.28 -1.80 19.31
N LYS D 13 -40.31 -2.44 19.91
CA LYS D 13 -40.43 -3.90 19.89
C LYS D 13 -41.46 -4.32 18.85
N PRO D 14 -41.44 -5.59 18.43
CA PRO D 14 -42.42 -6.03 17.43
C PRO D 14 -43.84 -5.84 17.95
N GLY D 15 -44.71 -5.35 17.08
CA GLY D 15 -46.08 -5.09 17.44
C GLY D 15 -46.37 -3.71 17.98
N GLU D 16 -45.35 -2.96 18.37
CA GLU D 16 -45.58 -1.58 18.81
C GLU D 16 -45.88 -0.68 17.60
N THR D 17 -46.09 0.59 17.89
CA THR D 17 -46.37 1.62 16.90
C THR D 17 -45.38 2.76 17.08
N VAL D 18 -45.00 3.40 15.96
CA VAL D 18 -44.13 4.57 15.98
C VAL D 18 -44.73 5.62 15.04
N LYS D 19 -44.55 6.89 15.40
CA LYS D 19 -44.93 8.00 14.55
C LYS D 19 -43.76 8.97 14.41
N ILE D 20 -43.42 9.28 13.17
CA ILE D 20 -42.25 10.07 12.77
C ILE D 20 -42.72 11.40 12.19
N SER D 21 -42.11 12.49 12.63
CA SER D 21 -42.49 13.81 12.19
C SER D 21 -41.50 14.36 11.18
N CYS D 22 -42.00 15.23 10.30
CA CYS D 22 -41.21 15.88 9.25
C CYS D 22 -41.66 17.33 9.18
N LYS D 23 -40.81 18.25 9.65
CA LYS D 23 -41.19 19.65 9.77
C LYS D 23 -40.60 20.43 8.61
N ALA D 24 -41.46 21.09 7.84
CA ALA D 24 -41.05 21.82 6.65
C ALA D 24 -40.89 23.29 6.99
N SER D 25 -39.82 23.90 6.45
CA SER D 25 -39.54 25.31 6.63
C SER D 25 -39.24 25.95 5.28
N GLY D 26 -39.41 27.27 5.22
CA GLY D 26 -38.92 28.06 4.10
C GLY D 26 -39.72 27.98 2.82
N TYR D 27 -40.91 27.39 2.85
CA TYR D 27 -41.77 27.39 1.67
C TYR D 27 -43.20 27.09 2.11
N THR D 28 -44.14 27.29 1.19
CA THR D 28 -45.58 27.21 1.47
C THR D 28 -45.98 25.74 1.55
N PHE D 29 -46.11 25.23 2.78
CA PHE D 29 -46.31 23.80 3.03
C PHE D 29 -47.44 23.23 2.18
N THR D 30 -48.56 23.94 2.07
CA THR D 30 -49.77 23.46 1.40
C THR D 30 -49.70 23.48 -0.13
N ASP D 31 -48.63 23.98 -0.75
CA ASP D 31 -48.56 23.97 -2.21
C ASP D 31 -47.75 22.82 -2.80
N TYR D 32 -47.17 21.96 -1.98
CA TYR D 32 -46.40 20.83 -2.47
C TYR D 32 -46.80 19.58 -1.71
N SER D 33 -46.96 18.47 -2.42
CA SER D 33 -47.17 17.19 -1.76
C SER D 33 -45.96 16.84 -0.90
N MET D 34 -46.12 15.79 -0.11
CA MET D 34 -45.06 15.26 0.73
C MET D 34 -45.07 13.75 0.57
N HIS D 35 -43.91 13.20 0.22
CA HIS D 35 -43.70 11.79 -0.05
C HIS D 35 -42.89 11.16 1.08
N TRP D 36 -42.91 9.83 1.13
CA TRP D 36 -42.14 9.07 2.09
C TRP D 36 -41.45 7.95 1.37
N VAL D 37 -40.19 7.71 1.72
CA VAL D 37 -39.35 6.71 1.08
C VAL D 37 -38.66 5.93 2.17
N LYS D 38 -38.55 4.62 1.98
CA LYS D 38 -37.98 3.75 3.00
C LYS D 38 -36.62 3.25 2.54
N GLN D 39 -35.62 3.40 3.40
CA GLN D 39 -34.29 2.90 3.09
C GLN D 39 -33.89 1.77 4.02
N ALA D 40 -33.47 0.67 3.43
CA ALA D 40 -32.91 -0.48 4.14
C ALA D 40 -31.46 -0.24 4.57
N PRO D 41 -30.94 -1.17 5.39
CA PRO D 41 -29.50 -1.48 5.44
C PRO D 41 -28.98 -1.98 4.09
N GLY D 42 -29.79 -2.76 3.39
CA GLY D 42 -29.59 -3.04 1.98
C GLY D 42 -29.62 -1.79 1.11
N LYS D 43 -30.49 -0.84 1.46
CA LYS D 43 -30.37 0.54 0.99
C LYS D 43 -30.41 0.68 -0.54
N GLY D 44 -31.29 -0.07 -1.18
CA GLY D 44 -32.20 0.53 -2.13
C GLY D 44 -33.16 1.53 -1.49
N LEU D 45 -33.41 2.63 -2.19
CA LEU D 45 -34.60 3.44 -1.96
C LEU D 45 -35.88 2.73 -2.37
N LYS D 46 -36.94 2.91 -1.59
CA LYS D 46 -38.24 2.34 -1.91
C LYS D 46 -39.33 3.34 -1.57
N TRP D 47 -40.14 3.70 -2.56
CA TRP D 47 -41.21 4.67 -2.39
C TRP D 47 -42.39 4.02 -1.69
N MET D 48 -42.90 4.69 -0.66
CA MET D 48 -44.03 4.20 0.13
C MET D 48 -45.36 4.81 -0.27
N GLY D 49 -45.36 6.07 -0.67
CA GLY D 49 -46.55 6.76 -1.11
C GLY D 49 -46.39 8.27 -0.93
N TRP D 50 -47.52 8.96 -0.98
CA TRP D 50 -47.49 10.40 -0.81
C TRP D 50 -48.80 10.88 -0.21
N ILE D 51 -48.76 12.09 0.32
CA ILE D 51 -49.94 12.71 0.90
C ILE D 51 -50.16 14.05 0.21
N ASN D 52 -51.39 14.29 -0.21
CA ASN D 52 -51.74 15.55 -0.84
C ASN D 52 -51.73 16.62 0.26
N THR D 53 -51.01 17.70 0.04
CA THR D 53 -50.94 18.75 1.05
C THR D 53 -52.26 19.49 1.30
N GLY D 54 -52.93 19.92 0.23
CA GLY D 54 -54.20 20.60 0.39
C GLY D 54 -55.34 19.69 0.83
N THR D 55 -55.43 18.55 0.17
CA THR D 55 -56.46 17.54 0.42
C THR D 55 -56.35 16.83 1.76
N GLY D 56 -55.12 16.49 2.13
CA GLY D 56 -54.87 15.74 3.35
C GLY D 56 -55.09 14.28 3.04
N GLU D 57 -55.35 13.98 1.78
CA GLU D 57 -55.59 12.62 1.31
C GLU D 57 -54.27 11.91 1.05
N PRO D 58 -54.12 10.67 1.55
CA PRO D 58 -52.90 9.92 1.31
C PRO D 58 -53.13 8.86 0.25
N THR D 59 -52.11 8.50 -0.52
CA THR D 59 -52.15 7.30 -1.37
C THR D 59 -50.88 6.52 -1.10
N PHE D 60 -51.02 5.19 -0.99
CA PHE D 60 -49.94 4.31 -0.54
C PHE D 60 -49.52 3.42 -1.70
N ALA D 61 -48.21 3.17 -1.79
CA ALA D 61 -47.76 2.14 -2.70
C ALA D 61 -48.35 0.80 -2.26
N ALA D 62 -48.42 -0.16 -3.21
CA ALA D 62 -49.07 -1.43 -2.91
C ALA D 62 -48.39 -2.18 -1.77
N ASP D 63 -47.06 -2.10 -1.66
CA ASP D 63 -46.36 -2.82 -0.61
C ASP D 63 -46.45 -2.13 0.74
N PHE D 64 -47.01 -0.92 0.78
CA PHE D 64 -47.17 -0.19 2.03
C PHE D 64 -48.63 0.00 2.46
N LYS D 65 -49.54 -0.71 1.81
CA LYS D 65 -50.97 -0.59 2.11
C LYS D 65 -51.45 -1.30 3.37
N GLY D 66 -52.21 -0.57 4.18
CA GLY D 66 -52.82 -1.08 5.39
C GLY D 66 -52.07 -1.07 6.72
N ARG D 67 -50.77 -0.77 6.69
CA ARG D 67 -50.01 -0.74 7.94
C ARG D 67 -49.33 0.61 8.18
N PHE D 68 -49.41 1.50 7.19
CA PHE D 68 -48.79 2.81 7.28
C PHE D 68 -49.79 3.95 7.10
N ALA D 69 -49.68 4.96 7.97
CA ALA D 69 -50.58 6.11 7.89
C ALA D 69 -49.86 7.45 7.76
N PHE D 70 -50.32 8.26 6.81
CA PHE D 70 -49.79 9.60 6.59
C PHE D 70 -50.77 10.60 7.17
N SER D 71 -50.24 11.65 7.79
CA SER D 71 -51.10 12.68 8.37
C SER D 71 -50.38 14.03 8.30
N LEU D 72 -51.13 15.09 8.56
CA LEU D 72 -50.61 16.45 8.54
C LEU D 72 -51.06 17.22 9.76
N GLU D 73 -50.32 18.28 10.05
CA GLU D 73 -50.76 19.34 10.95
C GLU D 73 -50.36 20.61 10.20
N THR D 74 -51.27 21.08 9.36
CA THR D 74 -50.97 22.16 8.41
C THR D 74 -50.52 23.42 9.13
N SER D 75 -51.22 23.81 10.20
CA SER D 75 -50.87 25.03 10.92
C SER D 75 -49.43 25.03 11.40
N ALA D 76 -48.83 23.86 11.57
CA ALA D 76 -47.43 23.74 11.98
C ALA D 76 -46.52 23.32 10.84
N SER D 77 -47.06 23.19 9.61
CA SER D 77 -46.31 22.76 8.43
C SER D 77 -45.50 21.50 8.71
N THR D 78 -46.13 20.53 9.38
CA THR D 78 -45.48 19.25 9.62
C THR D 78 -46.32 18.10 9.09
N ALA D 79 -45.62 17.10 8.59
CA ALA D 79 -46.20 15.84 8.12
C ALA D 79 -45.70 14.70 9.01
N TYR D 80 -46.56 13.71 9.20
CA TYR D 80 -46.24 12.58 10.05
C TYR D 80 -46.33 11.28 9.25
N LEU D 81 -45.48 10.34 9.63
CA LEU D 81 -45.54 8.97 9.14
C LEU D 81 -45.72 8.10 10.37
N GLN D 82 -46.76 7.25 10.35
CA GLN D 82 -47.02 6.34 11.46
C GLN D 82 -47.07 4.91 10.95
N ILE D 83 -46.40 4.00 11.67
CA ILE D 83 -46.34 2.58 11.33
C ILE D 83 -46.98 1.75 12.45
N ASN D 84 -47.89 0.86 12.10
CA ASN D 84 -48.57 0.01 13.05
C ASN D 84 -47.98 -1.40 13.09
N ASN D 85 -48.19 -2.05 14.23
CA ASN D 85 -47.84 -3.46 14.42
C ASN D 85 -46.44 -3.77 13.86
N LEU D 86 -45.45 -3.12 14.46
CA LEU D 86 -44.09 -3.15 13.96
C LEU D 86 -43.55 -4.57 13.84
N LYS D 87 -42.96 -4.88 12.69
CA LYS D 87 -42.33 -6.16 12.45
C LYS D 87 -40.83 -5.93 12.26
N ASN D 88 -40.08 -7.03 12.21
CA ASN D 88 -38.63 -6.93 12.11
C ASN D 88 -38.23 -6.27 10.80
N GLU D 89 -38.97 -6.56 9.73
CA GLU D 89 -38.62 -6.08 8.40
C GLU D 89 -38.76 -4.56 8.26
N ASP D 90 -39.36 -3.88 9.22
CA ASP D 90 -39.47 -2.43 9.15
C ASP D 90 -38.26 -1.71 9.74
N THR D 91 -37.26 -2.44 10.24
CA THR D 91 -36.01 -1.80 10.62
C THR D 91 -35.36 -1.17 9.39
N ALA D 92 -35.30 0.16 9.37
CA ALA D 92 -34.85 0.90 8.21
C ALA D 92 -34.75 2.38 8.52
N SER D 93 -34.25 3.18 7.59
CA SER D 93 -34.37 4.62 7.68
C SER D 93 -35.53 5.08 6.79
N TYR D 94 -36.29 6.06 7.27
CA TYR D 94 -37.43 6.61 6.55
C TYR D 94 -37.23 8.09 6.30
N PHE D 95 -37.42 8.53 5.05
CA PHE D 95 -37.26 9.93 4.68
C PHE D 95 -38.58 10.50 4.22
N CYS D 96 -38.84 11.74 4.59
CA CYS D 96 -39.82 12.56 3.89
C CYS D 96 -39.10 13.35 2.80
N ALA D 97 -39.83 13.64 1.72
CA ALA D 97 -39.32 14.41 0.59
C ALA D 97 -40.45 15.22 -0.02
N ARG D 98 -40.15 16.45 -0.40
CA ARG D 98 -41.13 17.35 -1.02
C ARG D 98 -41.35 16.94 -2.47
N GLY D 99 -42.59 16.64 -2.84
CA GLY D 99 -42.87 16.23 -4.21
C GLY D 99 -43.06 17.43 -5.14
N VAL D 100 -42.49 17.33 -6.34
CA VAL D 100 -42.70 18.33 -7.38
C VAL D 100 -43.43 17.65 -8.52
N GLY D 101 -44.40 16.80 -8.17
CA GLY D 101 -45.32 16.22 -9.14
C GLY D 101 -44.63 15.38 -10.19
N LEU D 102 -44.96 15.68 -11.44
CA LEU D 102 -44.33 15.00 -12.57
C LEU D 102 -42.82 15.14 -12.54
N TYR D 103 -42.25 16.01 -11.72
CA TYR D 103 -40.80 16.06 -11.56
C TYR D 103 -40.28 15.37 -10.30
N GLY D 104 -41.10 14.56 -9.62
CA GLY D 104 -40.61 13.70 -8.56
C GLY D 104 -40.53 14.42 -7.22
N VAL D 105 -39.37 14.33 -6.57
CA VAL D 105 -39.11 14.96 -5.29
C VAL D 105 -37.85 15.80 -5.41
N ASP D 106 -37.77 16.89 -4.65
CA ASP D 106 -36.58 17.74 -4.68
C ASP D 106 -35.90 17.82 -3.32
N TYR D 107 -36.51 18.40 -2.30
CA TYR D 107 -35.88 18.44 -0.98
C TYR D 107 -36.21 17.20 -0.16
N TRP D 108 -35.22 16.72 0.60
CA TRP D 108 -35.34 15.53 1.44
C TRP D 108 -35.04 15.86 2.90
N GLY D 109 -35.75 15.19 3.81
CA GLY D 109 -35.40 15.30 5.21
C GLY D 109 -34.16 14.49 5.52
N GLN D 110 -33.59 14.72 6.72
CA GLN D 110 -32.33 14.03 6.99
C GLN D 110 -32.53 12.54 7.25
N GLY D 111 -33.76 12.09 7.42
CA GLY D 111 -33.98 10.67 7.71
C GLY D 111 -34.11 10.38 9.19
N THR D 112 -34.94 9.37 9.49
CA THR D 112 -35.18 8.86 10.84
C THR D 112 -34.97 7.35 10.80
N SER D 113 -34.04 6.85 11.61
CA SER D 113 -33.84 5.41 11.67
C SER D 113 -34.74 4.80 12.73
N VAL D 114 -35.30 3.63 12.42
CA VAL D 114 -36.19 2.91 13.31
C VAL D 114 -35.65 1.50 13.44
N THR D 115 -35.51 1.02 14.67
CA THR D 115 -35.03 -0.32 14.95
C THR D 115 -36.12 -1.05 15.72
N VAL D 116 -36.47 -2.25 15.25
CA VAL D 116 -37.41 -3.12 15.94
C VAL D 116 -36.71 -4.39 16.39
N SER D 117 -36.89 -4.75 17.65
CA SER D 117 -36.35 -5.99 18.20
C SER D 117 -36.81 -6.17 19.65
N SER D 118 -36.81 -7.40 20.10
CA SER D 118 -37.27 -7.68 21.46
C SER D 118 -36.21 -7.76 22.58
N PRO D 119 -34.90 -7.65 22.33
CA PRO D 119 -33.96 -7.80 23.43
C PRO D 119 -33.99 -6.64 24.39
N LYS D 120 -33.50 -6.93 25.58
CA LYS D 120 -33.24 -6.02 26.67
C LYS D 120 -31.82 -5.45 26.59
N THR D 121 -31.63 -4.33 27.26
CA THR D 121 -30.31 -3.72 27.37
C THR D 121 -29.35 -4.68 28.03
N THR D 122 -28.21 -4.95 27.35
CA THR D 122 -27.25 -5.94 27.79
C THR D 122 -25.80 -5.47 27.71
N PRO D 123 -25.02 -5.65 28.77
CA PRO D 123 -23.62 -5.17 28.77
C PRO D 123 -22.75 -6.09 27.94
N PRO D 124 -21.70 -5.56 27.33
CA PRO D 124 -20.83 -6.40 26.50
C PRO D 124 -19.85 -7.23 27.31
N SER D 125 -19.52 -8.42 26.80
CA SER D 125 -18.28 -9.10 27.14
C SER D 125 -17.18 -8.59 26.22
N VAL D 126 -16.02 -8.28 26.79
CA VAL D 126 -14.91 -7.72 26.04
C VAL D 126 -13.72 -8.66 26.17
N TYR D 127 -13.21 -9.13 25.04
CA TYR D 127 -12.15 -10.12 24.99
C TYR D 127 -10.91 -9.57 24.29
N PRO D 128 -9.77 -9.52 24.97
CA PRO D 128 -8.51 -9.17 24.30
C PRO D 128 -8.05 -10.23 23.31
N LEU D 129 -7.43 -9.80 22.23
CA LEU D 129 -6.90 -10.72 21.22
C LEU D 129 -5.39 -10.45 21.05
N ALA D 130 -4.58 -11.28 21.71
CA ALA D 130 -3.14 -11.18 21.66
C ALA D 130 -2.61 -11.96 20.47
N PRO D 131 -1.54 -11.52 19.82
CA PRO D 131 -1.11 -12.17 18.58
C PRO D 131 -0.57 -13.56 18.85
N VAL D 132 -0.66 -14.41 17.82
CA VAL D 132 0.08 -15.66 17.78
C VAL D 132 1.07 -15.58 16.63
N CYS D 133 1.64 -16.72 16.27
CA CYS D 133 2.94 -16.74 15.61
C CYS D 133 3.00 -15.86 14.37
N GLY D 134 2.08 -16.06 13.42
CA GLY D 134 2.16 -15.35 12.14
C GLY D 134 1.48 -14.00 12.04
N ASP D 135 1.17 -13.36 13.16
CA ASP D 135 0.47 -12.08 13.13
C ASP D 135 1.42 -10.88 13.13
N THR D 136 2.70 -11.10 12.88
CA THR D 136 3.71 -10.05 12.92
C THR D 136 4.39 -9.99 11.56
N THR D 137 3.65 -9.55 10.55
CA THR D 137 4.22 -9.40 9.21
C THR D 137 5.10 -8.14 9.11
N GLY D 138 6.30 -8.31 8.57
CA GLY D 138 7.08 -7.19 8.05
C GLY D 138 7.36 -6.09 9.06
N SER D 139 7.62 -6.49 10.31
CA SER D 139 7.75 -5.59 11.46
C SER D 139 6.56 -4.66 11.67
N MET D 140 5.36 -5.19 11.45
CA MET D 140 4.16 -4.72 12.14
C MET D 140 3.46 -5.88 12.81
N VAL D 141 3.04 -5.69 14.07
CA VAL D 141 2.24 -6.69 14.75
C VAL D 141 0.83 -6.14 14.89
N THR D 142 -0.17 -7.00 14.68
CA THR D 142 -1.57 -6.65 14.80
C THR D 142 -2.13 -7.23 16.09
N LEU D 143 -2.90 -6.42 16.80
CA LEU D 143 -3.60 -6.83 18.00
C LEU D 143 -5.09 -6.55 17.81
N GLY D 144 -5.91 -7.23 18.62
CA GLY D 144 -7.34 -7.17 18.44
C GLY D 144 -8.06 -6.98 19.77
N CYS D 145 -9.35 -6.70 19.64
CA CYS D 145 -10.24 -6.51 20.78
C CYS D 145 -11.59 -7.02 20.31
N LEU D 146 -12.18 -7.95 21.04
CA LEU D 146 -13.45 -8.54 20.65
C LEU D 146 -14.50 -8.16 21.69
N VAL D 147 -15.63 -7.61 21.22
CA VAL D 147 -16.70 -7.07 22.04
C VAL D 147 -17.96 -7.83 21.66
N LYS D 148 -18.50 -8.61 22.58
CA LYS D 148 -19.50 -9.58 22.16
C LYS D 148 -20.78 -9.48 22.99
N GLY D 149 -21.92 -9.63 22.31
CA GLY D 149 -23.25 -9.64 22.91
C GLY D 149 -23.72 -8.42 23.68
N TYR D 150 -23.79 -7.26 23.04
CA TYR D 150 -24.41 -6.10 23.67
C TYR D 150 -25.70 -5.71 22.94
N PHE D 151 -26.52 -4.91 23.61
CA PHE D 151 -27.69 -4.30 22.98
C PHE D 151 -28.20 -3.09 23.72
N PRO D 152 -28.59 -2.03 22.97
CA PRO D 152 -28.34 -1.86 21.54
C PRO D 152 -27.07 -1.06 21.31
N GLU D 153 -26.83 -0.72 20.05
CA GLU D 153 -25.76 0.20 19.70
C GLU D 153 -26.15 1.56 20.28
N PRO D 154 -25.19 2.50 20.42
CA PRO D 154 -23.78 2.43 20.01
C PRO D 154 -22.86 1.91 21.09
N VAL D 155 -21.66 1.48 20.71
CA VAL D 155 -20.54 1.36 21.63
C VAL D 155 -19.42 2.24 21.10
N THR D 156 -18.58 2.73 22.03
CA THR D 156 -17.38 3.46 21.68
C THR D 156 -16.18 2.62 22.09
N VAL D 157 -15.41 2.15 21.10
CA VAL D 157 -14.17 1.41 21.38
C VAL D 157 -13.01 2.31 20.99
N THR D 158 -12.10 2.52 21.93
CA THR D 158 -10.88 3.29 21.73
C THR D 158 -9.64 2.50 22.18
N TRP D 159 -8.47 3.03 21.83
CA TRP D 159 -7.19 2.45 22.22
C TRP D 159 -6.33 3.55 22.84
N ASN D 160 -5.89 3.32 24.07
CA ASN D 160 -5.19 4.32 24.89
C ASN D 160 -5.78 5.72 24.71
N SER D 161 -7.12 5.79 24.78
CA SER D 161 -7.85 7.07 24.82
C SER D 161 -7.56 7.97 23.62
N GLY D 162 -7.40 7.37 22.44
CA GLY D 162 -7.32 8.14 21.21
C GLY D 162 -5.93 8.46 20.71
N SER D 163 -4.90 8.29 21.55
CA SER D 163 -3.54 8.49 21.09
C SER D 163 -3.17 7.52 19.99
N LEU D 164 -3.93 6.43 19.86
CA LEU D 164 -3.75 5.39 18.86
C LEU D 164 -4.85 5.44 17.79
N SER D 165 -4.96 6.53 17.04
CA SER D 165 -5.86 6.52 15.90
C SER D 165 -5.19 5.89 14.68
N SER D 166 -3.86 5.93 14.65
CA SER D 166 -3.12 5.83 13.38
C SER D 166 -3.38 4.52 12.64
N GLY D 167 -3.29 3.39 13.33
CA GLY D 167 -3.38 2.13 12.64
C GLY D 167 -4.49 1.22 13.13
N VAL D 168 -5.69 1.77 13.23
CA VAL D 168 -6.82 1.10 13.86
C VAL D 168 -7.90 0.84 12.83
N HIS D 169 -8.48 -0.35 12.90
CA HIS D 169 -9.70 -0.67 12.17
C HIS D 169 -10.73 -1.17 13.17
N THR D 170 -11.78 -0.39 13.37
CA THR D 170 -12.93 -0.80 14.16
C THR D 170 -14.08 -1.10 13.22
N PHE D 171 -14.65 -2.21 13.36
CA PHE D 171 -15.54 -2.69 12.35
C PHE D 171 -17.01 -2.47 12.73
N PRO D 172 -17.90 -2.27 11.76
CA PRO D 172 -19.32 -2.12 12.09
C PRO D 172 -19.82 -3.32 12.87
N ALA D 173 -20.77 -3.05 13.76
CA ALA D 173 -21.39 -4.12 14.51
C ALA D 173 -22.22 -5.00 13.59
N VAL D 174 -22.26 -6.29 13.92
CA VAL D 174 -23.12 -7.27 13.26
C VAL D 174 -23.96 -7.92 14.35
N LEU D 175 -25.12 -8.44 13.98
CA LEU D 175 -26.02 -9.02 14.98
C LEU D 175 -26.12 -10.54 15.01
N GLN D 176 -25.86 -11.09 16.20
CA GLN D 176 -25.96 -12.53 16.44
C GLN D 176 -26.84 -12.78 17.66
N SER D 177 -27.81 -13.68 17.52
CA SER D 177 -28.72 -14.04 18.62
C SER D 177 -29.42 -12.84 19.27
N ASP D 178 -29.90 -11.93 18.42
CA ASP D 178 -30.61 -10.70 18.83
C ASP D 178 -29.76 -9.79 19.72
N LEU D 179 -28.46 -9.87 19.50
CA LEU D 179 -27.47 -9.06 20.20
C LEU D 179 -26.36 -8.72 19.21
N TYR D 180 -25.60 -7.68 19.54
CA TYR D 180 -24.58 -7.18 18.62
C TYR D 180 -23.19 -7.60 19.06
N THR D 181 -22.30 -7.75 18.08
CA THR D 181 -20.88 -8.00 18.29
C THR D 181 -20.08 -7.20 17.26
N LEU D 182 -19.00 -6.57 17.71
CA LEU D 182 -18.03 -5.98 16.78
C LEU D 182 -16.61 -6.29 17.25
N SER D 183 -15.66 -6.03 16.37
CA SER D 183 -14.24 -6.17 16.69
C SER D 183 -13.48 -4.93 16.26
N SER D 184 -12.28 -4.79 16.79
CA SER D 184 -11.37 -3.71 16.42
C SER D 184 -9.96 -4.26 16.40
N SER D 185 -9.18 -3.83 15.41
CA SER D 185 -7.78 -4.22 15.30
C SER D 185 -6.92 -2.97 15.34
N VAL D 186 -5.73 -3.14 15.91
CA VAL D 186 -4.74 -2.08 15.95
C VAL D 186 -3.39 -2.67 15.57
N THR D 187 -2.65 -1.95 14.71
CA THR D 187 -1.39 -2.42 14.17
C THR D 187 -0.28 -1.47 14.55
N VAL D 188 0.79 -2.03 15.07
CA VAL D 188 1.86 -1.24 15.69
C VAL D 188 3.23 -1.85 15.34
N PRO D 189 4.33 -1.06 15.32
CA PRO D 189 5.66 -1.65 15.11
C PRO D 189 5.98 -2.63 16.25
N SER D 190 6.56 -3.79 15.90
CA SER D 190 6.75 -4.88 16.85
C SER D 190 7.62 -4.53 18.07
N SER D 191 8.28 -3.35 18.06
CA SER D 191 9.09 -2.81 19.15
C SER D 191 8.33 -1.80 20.00
N THR D 192 7.07 -1.60 19.71
CA THR D 192 6.25 -0.85 20.63
C THR D 192 5.49 -1.77 21.56
N TRP D 193 5.32 -3.03 21.17
CA TRP D 193 4.60 -4.00 21.98
C TRP D 193 5.38 -5.32 22.02
N PRO D 194 5.48 -5.92 23.21
CA PRO D 194 4.81 -5.55 24.45
C PRO D 194 5.56 -4.59 25.38
N SER D 195 6.55 -3.84 24.87
CA SER D 195 7.29 -2.94 25.75
C SER D 195 6.42 -1.77 26.21
N GLU D 196 5.48 -1.34 25.39
CA GLU D 196 4.54 -0.27 25.74
C GLU D 196 3.14 -0.84 25.84
N THR D 197 2.40 -0.41 26.85
CA THR D 197 1.08 -0.95 27.12
C THR D 197 0.10 -0.59 25.99
N VAL D 198 -0.66 -1.58 25.53
CA VAL D 198 -1.77 -1.37 24.60
C VAL D 198 -3.06 -1.85 25.27
N THR D 199 -4.04 -0.96 25.38
CA THR D 199 -5.29 -1.23 26.08
C THR D 199 -6.46 -0.73 25.26
N CYS D 200 -7.42 -1.62 24.98
CA CYS D 200 -8.66 -1.20 24.33
C CYS D 200 -9.70 -0.84 25.38
N ASN D 201 -10.49 0.18 25.09
CA ASN D 201 -11.49 0.72 26.00
C ASN D 201 -12.84 0.69 25.30
N VAL D 202 -13.87 0.19 25.98
CA VAL D 202 -15.22 0.18 25.44
C VAL D 202 -16.12 1.02 26.34
N ALA D 203 -16.90 1.91 25.74
CA ALA D 203 -17.94 2.67 26.43
C ALA D 203 -19.28 2.23 25.86
N HIS D 204 -20.24 1.97 26.74
CA HIS D 204 -21.58 1.55 26.34
C HIS D 204 -22.56 2.42 27.12
N PRO D 205 -22.85 3.63 26.62
CA PRO D 205 -23.69 4.56 27.37
C PRO D 205 -25.13 4.08 27.52
N ALA D 206 -25.58 3.19 26.64
CA ALA D 206 -26.93 2.64 26.78
C ALA D 206 -27.06 1.87 28.10
N SER D 207 -25.95 1.35 28.63
CA SER D 207 -25.95 0.66 29.91
C SER D 207 -25.02 1.30 30.93
N SER D 208 -24.43 2.45 30.57
CA SER D 208 -23.62 3.24 31.50
C SER D 208 -22.55 2.37 32.15
N THR D 209 -22.05 1.42 31.34
CA THR D 209 -20.94 0.53 31.59
C THR D 209 -19.75 1.03 30.79
N LYS D 210 -18.58 0.86 31.38
CA LYS D 210 -17.37 1.45 30.80
C LYS D 210 -16.14 0.69 31.28
N VAL D 211 -15.37 0.05 30.39
CA VAL D 211 -14.36 -0.98 30.71
C VAL D 211 -13.04 -0.79 29.94
N ASP D 212 -11.95 -1.21 30.59
CA ASP D 212 -10.60 -1.20 30.05
C ASP D 212 -10.04 -2.63 30.00
N LYS D 213 -9.42 -3.01 28.88
CA LYS D 213 -8.81 -4.34 28.74
C LYS D 213 -7.38 -4.29 28.19
N LYS D 214 -6.44 -4.81 28.98
CA LYS D 214 -5.03 -4.92 28.61
C LYS D 214 -4.76 -6.10 27.68
N ILE D 215 -3.97 -5.85 26.64
CA ILE D 215 -3.54 -6.90 25.72
C ILE D 215 -2.22 -7.43 26.27
N VAL D 216 -2.22 -8.66 26.73
CA VAL D 216 -1.04 -9.27 27.36
C VAL D 216 -0.54 -10.37 26.43
N PRO D 217 0.77 -10.43 26.16
CA PRO D 217 1.26 -11.44 25.24
C PRO D 217 1.06 -12.84 25.78
N ARG D 218 0.68 -13.75 24.89
CA ARG D 218 0.56 -15.16 25.21
C ARG D 218 1.94 -15.81 25.42
#